data_1CP9
#
_entry.id   1CP9
#
_cell.length_a   140.645
_cell.length_b   140.645
_cell.length_c   200.189
_cell.angle_alpha   90.00
_cell.angle_beta   90.00
_cell.angle_gamma   120.00
#
_symmetry.space_group_name_H-M   'P 61 2 2'
#
loop_
_entity.id
_entity.type
_entity.pdbx_description
1 polymer 'Penicillin G amidase'
2 polymer 'Penicillin G amidase'
3 non-polymer 'SULFATE ION'
4 non-polymer 'CALCIUM ION'
5 water water
#
loop_
_entity_poly.entity_id
_entity_poly.type
_entity_poly.pdbx_seq_one_letter_code
_entity_poly.pdbx_strand_id
1 'polypeptide(L)'
;(PCA)STQIKIERDNYGVPHIYANDTYSLFYGYGYAVAQDRLFQMEMAKRSTQGTVSEVFGKDYISFDKEIRNNYWPDSI
HKQINQLPSQEQDILRGYADGMNAWIKQINTKPDDLMPKQFIDYDFLPSQWTSFDVAMIMVGTLANRFSDMNSEIDNLAL
LTALKDKYGEQLGVEFFNQINWLNNPNAPTTISSEEFTYSDSQKTKNIS
;
A
2 'polypeptide(L)'
;SNVWLVGKTKASGAKAILLNGPQFGWFNPAYTYGIGLHGAGFNIVGNTPFAYPAILFGHNGHVSWGSTAGFGDGVDIFAE
QVSPEDPNSYLHQGQWKKMLSRQETLNVKGEQPITFEIYRTVHGNVVKRDKTTHTAYSKARAWDGKELTSLMAWVKQGQA
QNWQQWLDQAQNQALTINWYYADKDGNIGYVHTGHYPDRQINHDPRLPVSGTGEWDWKGIQPFANNPKVYNPKSGYIANW
NNSPAKNYPASDLFAFLWGSADRVKEIDNRIEAYDKLTADDMWAILQQTSRVDLNHRLFTPFLTQATQGLPSNDNSVKLV
SMLQQWDGINQLSSDGKHYIHPGSAILDIWLKEMLKATLGQTVPAPFDKWYLASGYETTQEGPTGSLNISTGAKLLYESL
LEDKSPISQSIDLFSGQPQNDVIRKTLNTTYQKMIEKYGDNPANWQTPATALTFRENNFFGIPQALPQENFHQNEYHNRG
TENDLIVFTEEGVSAWDVVAPGQSGFISPQGKPSPHYQDQLSLYQQFGKKPLWLNSEDVAPYIESTETLIIER
;
B
#
# COMPACT_ATOMS: atom_id res chain seq x y z
N SER A 2 11.77 -26.70 30.00
CA SER A 2 12.23 -25.64 29.10
C SER A 2 12.11 -26.08 27.63
N THR A 3 12.38 -25.16 26.71
CA THR A 3 12.37 -25.49 25.28
C THR A 3 13.61 -24.83 24.68
N GLN A 4 14.11 -25.40 23.60
CA GLN A 4 15.30 -24.84 22.95
C GLN A 4 15.02 -24.25 21.59
N ILE A 5 15.44 -23.00 21.43
CA ILE A 5 15.29 -22.23 20.21
C ILE A 5 16.71 -22.01 19.65
N LYS A 6 16.84 -22.16 18.35
CA LYS A 6 18.11 -21.93 17.68
C LYS A 6 17.91 -20.76 16.65
N ILE A 7 18.79 -19.76 16.74
CA ILE A 7 18.75 -18.63 15.82
C ILE A 7 20.02 -18.52 14.98
N GLU A 8 19.87 -18.91 13.71
CA GLU A 8 20.97 -18.86 12.75
C GLU A 8 20.81 -17.68 11.81
N ARG A 9 21.84 -16.85 11.73
CA ARG A 9 21.82 -15.69 10.83
C ARG A 9 22.74 -15.89 9.61
N ASP A 10 22.25 -15.58 8.40
CA ASP A 10 23.06 -15.77 7.21
C ASP A 10 23.98 -14.60 6.89
N ASN A 11 24.56 -14.61 5.69
CA ASN A 11 25.45 -13.53 5.26
C ASN A 11 24.84 -12.12 5.21
N TYR A 12 23.52 -12.02 5.06
CA TYR A 12 22.89 -10.71 5.11
C TYR A 12 22.28 -10.42 6.48
N GLY A 13 22.62 -11.29 7.43
CA GLY A 13 22.16 -11.17 8.81
C GLY A 13 20.72 -11.56 9.05
N VAL A 14 20.11 -12.22 8.07
CA VAL A 14 18.70 -12.67 8.12
C VAL A 14 18.58 -13.84 9.14
N PRO A 15 17.63 -13.73 10.12
CA PRO A 15 17.39 -14.75 11.16
C PRO A 15 16.51 -15.89 10.70
N HIS A 16 16.93 -17.12 10.98
CA HIS A 16 16.19 -18.34 10.66
C HIS A 16 15.98 -19.01 12.01
N ILE A 17 14.71 -19.09 12.38
CA ILE A 17 14.28 -19.64 13.65
C ILE A 17 13.92 -21.11 13.59
N TYR A 18 14.49 -21.86 14.53
CA TYR A 18 14.23 -23.29 14.64
C TYR A 18 13.66 -23.56 16.05
N ALA A 19 12.43 -24.07 16.12
CA ALA A 19 11.76 -24.41 17.37
C ALA A 19 10.78 -25.54 17.12
N ASN A 20 10.35 -26.18 18.20
CA ASN A 20 9.49 -27.33 18.09
C ASN A 20 8.05 -27.06 18.48
N ASP A 21 7.76 -25.84 18.93
CA ASP A 21 6.39 -25.51 19.31
C ASP A 21 6.16 -24.06 18.92
N THR A 22 4.90 -23.70 18.71
CA THR A 22 4.51 -22.37 18.30
C THR A 22 5.02 -21.29 19.19
N TYR A 23 4.76 -21.40 20.48
CA TYR A 23 5.23 -20.36 21.37
C TYR A 23 6.75 -20.14 21.25
N SER A 24 7.52 -21.22 21.15
CA SER A 24 8.98 -21.09 21.05
C SER A 24 9.42 -20.47 19.71
N LEU A 25 8.77 -20.91 18.64
CA LEU A 25 9.05 -20.44 17.30
C LEU A 25 8.93 -18.95 17.21
N PHE A 26 7.82 -18.40 17.70
CA PHE A 26 7.62 -16.96 17.61
C PHE A 26 8.39 -16.16 18.62
N TYR A 27 8.71 -16.79 19.74
CA TYR A 27 9.52 -16.17 20.77
C TYR A 27 10.93 -15.89 20.14
N GLY A 28 11.45 -16.86 19.39
CA GLY A 28 12.73 -16.67 18.72
C GLY A 28 12.65 -15.58 17.66
N TYR A 29 11.52 -15.51 16.94
CA TYR A 29 11.27 -14.52 15.91
C TYR A 29 11.25 -13.16 16.58
N GLY A 30 10.47 -13.01 17.64
CA GLY A 30 10.43 -11.72 18.31
C GLY A 30 11.79 -11.28 18.86
N TYR A 31 12.59 -12.22 19.32
CA TYR A 31 13.92 -11.97 19.87
C TYR A 31 14.89 -11.43 18.80
N ALA A 32 14.88 -12.05 17.62
CA ALA A 32 15.73 -11.63 16.51
C ALA A 32 15.33 -10.21 16.04
N VAL A 33 14.03 -9.90 16.13
CA VAL A 33 13.49 -8.59 15.74
C VAL A 33 13.96 -7.50 16.71
N ALA A 34 13.99 -7.82 18.00
CA ALA A 34 14.43 -6.88 19.03
C ALA A 34 15.92 -6.65 18.88
N GLN A 35 16.63 -7.64 18.35
CA GLN A 35 18.06 -7.51 18.13
C GLN A 35 18.28 -6.58 16.96
N ASP A 36 17.59 -6.86 15.85
CA ASP A 36 17.70 -6.07 14.60
C ASP A 36 17.08 -4.72 14.46
N ARG A 37 15.88 -4.56 15.03
CA ARG A 37 15.12 -3.34 14.79
C ARG A 37 14.40 -2.79 15.97
N LEU A 38 15.02 -2.85 17.14
CA LEU A 38 14.31 -2.38 18.31
C LEU A 38 13.72 -0.95 18.29
N PHE A 39 14.50 0.05 17.92
CA PHE A 39 13.97 1.41 17.85
C PHE A 39 12.86 1.51 16.78
N GLN A 40 13.06 0.88 15.63
CA GLN A 40 12.01 0.92 14.62
C GLN A 40 10.74 0.35 15.21
N MET A 41 10.82 -0.82 15.83
CA MET A 41 9.64 -1.42 16.43
C MET A 41 9.06 -0.58 17.57
N GLU A 42 9.88 -0.03 18.44
CA GLU A 42 9.37 0.76 19.53
C GLU A 42 8.53 2.00 19.05
N MET A 43 8.96 2.62 17.95
CA MET A 43 8.27 3.76 17.39
C MET A 43 7.04 3.33 16.57
N ALA A 44 7.09 2.13 15.99
CA ALA A 44 5.92 1.57 15.28
C ALA A 44 4.80 1.33 16.34
N LYS A 45 5.17 0.88 17.54
CA LYS A 45 4.21 0.67 18.63
C LYS A 45 3.61 2.01 19.09
N ARG A 46 4.46 3.01 19.29
CA ARG A 46 3.93 4.32 19.67
C ARG A 46 3.10 4.94 18.55
N SER A 47 3.41 4.61 17.29
CA SER A 47 2.69 5.11 16.11
C SER A 47 1.27 4.48 15.97
N THR A 48 1.17 3.18 16.15
CA THR A 48 -0.10 2.43 16.08
C THR A 48 -0.97 2.56 17.37
N GLN A 49 -0.42 3.14 18.43
CA GLN A 49 -1.17 3.29 19.67
C GLN A 49 -1.30 4.74 20.14
N GLY A 50 -0.69 5.64 19.38
CA GLY A 50 -0.74 7.06 19.68
C GLY A 50 -0.16 7.53 20.99
N THR A 51 1.13 7.23 21.22
CA THR A 51 1.83 7.60 22.47
C THR A 51 3.17 8.22 22.13
N VAL A 52 3.24 8.84 20.94
CA VAL A 52 4.45 9.49 20.42
C VAL A 52 4.78 10.79 21.20
N SER A 53 3.76 11.56 21.58
CA SER A 53 3.95 12.81 22.34
C SER A 53 4.64 12.52 23.66
N GLU A 54 4.40 11.32 24.16
CA GLU A 54 4.99 10.92 25.41
C GLU A 54 6.52 11.17 25.41
N VAL A 55 7.16 10.85 24.30
CA VAL A 55 8.61 11.03 24.14
C VAL A 55 9.06 12.22 23.25
N PHE A 56 8.18 12.69 22.36
CA PHE A 56 8.50 13.77 21.43
C PHE A 56 7.79 15.13 21.61
N GLY A 57 6.92 15.23 22.60
CA GLY A 57 6.27 16.50 22.86
C GLY A 57 5.01 16.85 22.10
N LYS A 58 4.53 18.05 22.37
CA LYS A 58 3.31 18.66 21.85
C LYS A 58 3.02 18.55 20.34
N ASP A 59 4.05 18.60 19.52
CA ASP A 59 3.85 18.53 18.09
C ASP A 59 3.04 17.31 17.66
N TYR A 60 3.10 16.28 18.50
CA TYR A 60 2.44 15.00 18.23
C TYR A 60 1.07 14.75 18.88
N ILE A 61 0.56 15.75 19.58
CA ILE A 61 -0.73 15.63 20.25
C ILE A 61 -1.83 15.26 19.28
N SER A 62 -2.03 16.07 18.24
CA SER A 62 -3.04 15.76 17.24
C SER A 62 -2.87 14.36 16.71
N PHE A 63 -1.64 14.03 16.33
CA PHE A 63 -1.39 12.70 15.80
C PHE A 63 -1.92 11.64 16.78
N ASP A 64 -1.56 11.75 18.07
CA ASP A 64 -1.97 10.75 19.07
C ASP A 64 -3.49 10.61 19.25
N LYS A 65 -4.16 11.78 19.38
CA LYS A 65 -5.62 11.83 19.52
C LYS A 65 -6.25 11.13 18.36
N GLU A 66 -5.74 11.46 17.18
CA GLU A 66 -6.18 10.92 15.92
C GLU A 66 -6.03 9.42 15.86
N ILE A 67 -4.86 8.90 16.22
CA ILE A 67 -4.62 7.47 16.19
C ILE A 67 -5.57 6.74 17.16
N ARG A 68 -5.61 7.17 18.42
CA ARG A 68 -6.47 6.54 19.43
C ARG A 68 -7.97 6.65 19.11
N ASN A 69 -8.37 7.74 18.45
CA ASN A 69 -9.78 7.98 18.06
C ASN A 69 -10.32 7.08 16.99
N ASN A 70 -9.43 6.37 16.32
CA ASN A 70 -9.73 5.53 15.19
C ASN A 70 -9.75 4.03 15.43
N TYR A 71 -9.63 3.62 16.68
CA TYR A 71 -9.69 2.20 17.01
C TYR A 71 -10.32 2.05 18.37
N TRP A 72 -10.80 0.86 18.66
CA TRP A 72 -11.44 0.59 19.95
C TRP A 72 -10.62 -0.53 20.61
N PRO A 73 -9.69 -0.19 21.52
CA PRO A 73 -8.86 -1.19 22.19
C PRO A 73 -9.63 -2.39 22.76
N ASP A 74 -10.80 -2.13 23.35
CA ASP A 74 -11.62 -3.18 23.94
C ASP A 74 -11.85 -4.34 22.98
N SER A 75 -12.16 -4.00 21.74
CA SER A 75 -12.42 -4.97 20.68
C SER A 75 -11.20 -5.88 20.41
N ILE A 76 -10.03 -5.25 20.28
CA ILE A 76 -8.75 -5.93 20.05
C ILE A 76 -8.40 -6.90 21.19
N HIS A 77 -8.35 -6.40 22.44
CA HIS A 77 -8.09 -7.28 23.59
C HIS A 77 -9.07 -8.46 23.59
N LYS A 78 -10.35 -8.21 23.34
CA LYS A 78 -11.30 -9.31 23.32
C LYS A 78 -11.05 -10.33 22.21
N GLN A 79 -10.72 -9.85 21.01
CA GLN A 79 -10.52 -10.77 19.88
C GLN A 79 -9.35 -11.70 20.18
N ILE A 80 -8.32 -11.14 20.80
CA ILE A 80 -7.13 -11.90 21.19
C ILE A 80 -7.51 -12.99 22.19
N ASN A 81 -8.38 -12.66 23.15
CA ASN A 81 -8.80 -13.61 24.18
C ASN A 81 -9.65 -14.66 23.55
N GLN A 82 -10.23 -14.35 22.41
CA GLN A 82 -11.07 -15.31 21.76
C GLN A 82 -10.28 -16.25 20.83
N LEU A 83 -9.06 -15.86 20.44
CA LEU A 83 -8.30 -16.73 19.54
C LEU A 83 -7.98 -18.10 20.12
N PRO A 84 -7.76 -19.10 19.25
CA PRO A 84 -7.45 -20.37 19.88
C PRO A 84 -6.08 -20.18 20.61
N SER A 85 -5.77 -21.02 21.60
CA SER A 85 -4.51 -20.91 22.34
C SER A 85 -3.23 -20.96 21.49
N GLN A 86 -3.18 -21.84 20.49
CA GLN A 86 -1.99 -21.93 19.63
C GLN A 86 -1.73 -20.58 18.95
N GLU A 87 -2.81 -19.89 18.55
CA GLU A 87 -2.73 -18.59 17.89
C GLU A 87 -2.42 -17.53 18.90
N GLN A 88 -2.77 -17.78 20.15
CA GLN A 88 -2.46 -16.79 21.17
C GLN A 88 -0.96 -16.89 21.49
N ASP A 89 -0.41 -18.10 21.33
CA ASP A 89 1.00 -18.32 21.60
C ASP A 89 1.86 -17.61 20.58
N ILE A 90 1.31 -17.42 19.37
CA ILE A 90 2.00 -16.71 18.31
C ILE A 90 2.29 -15.29 18.79
N LEU A 91 1.27 -14.60 19.28
CA LEU A 91 1.44 -13.22 19.75
C LEU A 91 2.19 -13.09 21.05
N ARG A 92 1.81 -13.93 22.04
CA ARG A 92 2.42 -13.93 23.36
C ARG A 92 3.91 -14.30 23.24
N GLY A 93 4.20 -15.33 22.42
CA GLY A 93 5.55 -15.78 22.19
C GLY A 93 6.46 -14.69 21.63
N TYR A 94 5.93 -13.99 20.63
CA TYR A 94 6.66 -12.92 19.97
C TYR A 94 6.92 -11.80 20.98
N ALA A 95 5.90 -11.47 21.74
CA ALA A 95 5.94 -10.43 22.75
C ALA A 95 7.04 -10.80 23.77
N ASP A 96 7.05 -12.04 24.25
CA ASP A 96 8.06 -12.46 25.24
C ASP A 96 9.48 -12.47 24.68
N GLY A 97 9.63 -12.93 23.43
CA GLY A 97 10.92 -12.96 22.76
C GLY A 97 11.49 -11.56 22.72
N MET A 98 10.65 -10.57 22.39
CA MET A 98 11.07 -9.16 22.33
C MET A 98 11.58 -8.75 23.72
N ASN A 99 10.80 -9.07 24.73
CA ASN A 99 11.15 -8.75 26.10
C ASN A 99 12.42 -9.44 26.60
N ALA A 100 12.67 -10.68 26.18
CA ALA A 100 13.86 -11.42 26.57
C ALA A 100 15.10 -10.71 26.06
N TRP A 101 15.06 -10.20 24.83
CA TRP A 101 16.23 -9.47 24.34
C TRP A 101 16.37 -8.11 25.03
N ILE A 102 15.27 -7.47 25.37
CA ILE A 102 15.33 -6.17 26.05
C ILE A 102 16.03 -6.38 27.41
N LYS A 103 15.85 -7.61 27.92
CA LYS A 103 16.46 -8.03 29.18
C LYS A 103 18.00 -8.04 29.01
N GLN A 104 18.53 -8.63 27.94
CA GLN A 104 19.97 -8.63 27.64
C GLN A 104 20.50 -7.20 27.46
N ILE A 105 19.73 -6.34 26.80
CA ILE A 105 20.18 -4.98 26.64
C ILE A 105 20.39 -4.36 28.02
N ASN A 106 19.44 -4.59 28.94
CA ASN A 106 19.56 -4.01 30.27
C ASN A 106 20.68 -4.60 31.10
N THR A 107 21.18 -5.74 30.63
CA THR A 107 22.29 -6.42 31.22
C THR A 107 23.52 -5.57 30.88
N LYS A 108 23.85 -5.39 29.59
CA LYS A 108 24.99 -4.53 29.22
C LYS A 108 24.60 -3.44 28.21
N PRO A 109 23.89 -2.41 28.68
CA PRO A 109 23.42 -1.30 27.85
C PRO A 109 24.49 -0.44 27.20
N ASP A 110 25.71 -0.51 27.70
CA ASP A 110 26.77 0.30 27.12
C ASP A 110 27.09 -0.21 25.76
N ASP A 111 26.80 -1.47 25.51
CA ASP A 111 27.05 -2.01 24.21
C ASP A 111 25.81 -2.35 23.39
N LEU A 112 24.74 -2.79 24.07
CA LEU A 112 23.52 -3.24 23.42
C LEU A 112 22.36 -2.26 23.24
N MET A 113 22.42 -1.13 23.93
CA MET A 113 21.37 -0.15 23.81
C MET A 113 21.40 0.64 22.49
N PRO A 114 20.34 0.49 21.63
CA PRO A 114 20.34 1.25 20.37
C PRO A 114 20.50 2.73 20.72
N LYS A 115 21.41 3.37 20.00
CA LYS A 115 21.75 4.77 20.19
C LYS A 115 20.57 5.74 20.18
N GLN A 116 19.57 5.45 19.37
CA GLN A 116 18.41 6.33 19.27
C GLN A 116 17.70 6.53 20.61
N PHE A 117 17.66 5.47 21.41
CA PHE A 117 17.03 5.51 22.73
C PHE A 117 17.84 6.46 23.64
N ILE A 118 19.16 6.39 23.50
CA ILE A 118 20.01 7.23 24.28
C ILE A 118 19.86 8.70 23.89
N ASP A 119 19.89 8.97 22.58
CA ASP A 119 19.77 10.34 22.07
C ASP A 119 18.38 10.94 22.23
N TYR A 120 17.32 10.14 22.04
CA TYR A 120 15.96 10.66 22.21
C TYR A 120 15.57 10.69 23.69
N ASP A 121 16.43 10.06 24.50
CA ASP A 121 16.27 9.98 25.94
C ASP A 121 14.99 9.29 26.43
N PHE A 122 14.88 8.01 26.08
CA PHE A 122 13.81 7.21 26.55
C PHE A 122 14.22 5.75 26.49
N LEU A 123 13.44 4.87 27.12
CA LEU A 123 13.76 3.46 27.18
C LEU A 123 12.85 2.53 26.41
N PRO A 124 13.32 1.29 26.15
CA PRO A 124 12.55 0.26 25.43
C PRO A 124 11.37 -0.12 26.35
N SER A 125 10.21 -0.39 25.76
CA SER A 125 9.01 -0.69 26.52
C SER A 125 8.91 -2.16 26.81
N GLN A 126 7.81 -2.55 27.44
CA GLN A 126 7.55 -3.95 27.72
C GLN A 126 6.52 -4.33 26.67
N TRP A 127 6.76 -5.40 25.92
CA TRP A 127 5.87 -5.85 24.87
C TRP A 127 4.77 -6.85 25.28
N THR A 128 3.56 -6.71 24.69
CA THR A 128 2.45 -7.65 24.95
C THR A 128 1.82 -8.23 23.69
N SER A 129 0.87 -9.12 23.88
CA SER A 129 0.20 -9.67 22.72
C SER A 129 -0.59 -8.54 22.04
N PHE A 130 -1.09 -7.59 22.83
CA PHE A 130 -1.87 -6.48 22.29
C PHE A 130 -0.97 -5.55 21.47
N ASP A 131 0.26 -5.36 21.92
CA ASP A 131 1.24 -4.53 21.23
C ASP A 131 1.56 -5.14 19.88
N VAL A 132 1.74 -6.46 19.84
CA VAL A 132 2.03 -7.13 18.57
C VAL A 132 0.85 -7.07 17.59
N ALA A 133 -0.38 -7.27 18.10
CA ALA A 133 -1.60 -7.22 17.29
C ALA A 133 -1.72 -5.85 16.66
N MET A 134 -1.60 -4.81 17.47
CA MET A 134 -1.68 -3.46 16.99
C MET A 134 -0.66 -3.03 15.90
N ILE A 135 0.55 -3.61 15.89
CA ILE A 135 1.55 -3.25 14.86
C ILE A 135 0.90 -3.51 13.51
N MET A 136 0.28 -4.68 13.36
CA MET A 136 -0.40 -5.05 12.14
C MET A 136 -1.67 -4.20 11.96
N VAL A 137 -2.54 -4.14 12.96
CA VAL A 137 -3.75 -3.36 12.81
C VAL A 137 -3.45 -1.94 12.39
N GLY A 138 -2.50 -1.30 13.05
CA GLY A 138 -2.18 0.08 12.71
C GLY A 138 -1.41 0.34 11.42
N THR A 139 -0.67 -0.63 10.90
CA THR A 139 0.11 -0.41 9.69
C THR A 139 -0.42 -1.14 8.44
N LEU A 140 -1.39 -2.01 8.67
CA LEU A 140 -1.98 -2.80 7.62
C LEU A 140 -3.47 -2.47 7.45
N ALA A 141 -4.29 -2.83 8.44
CA ALA A 141 -5.74 -2.57 8.41
C ALA A 141 -6.00 -1.08 8.22
N ASN A 142 -5.48 -0.27 9.13
CA ASN A 142 -5.64 1.16 9.04
C ASN A 142 -4.83 1.77 7.90
N ARG A 143 -4.15 0.96 7.09
CA ARG A 143 -3.39 1.56 6.02
C ARG A 143 -3.96 1.21 4.66
N PHE A 144 -4.45 0.01 4.52
CA PHE A 144 -5.00 -0.39 3.25
C PHE A 144 -6.45 -0.84 3.35
N SER A 145 -7.10 -0.62 4.51
CA SER A 145 -8.48 -1.02 4.66
C SER A 145 -9.37 -0.01 5.36
N ASP A 146 -8.80 1.15 5.69
CA ASP A 146 -9.57 2.18 6.35
C ASP A 146 -9.75 3.51 5.59
N MET A 147 -9.47 3.53 4.31
CA MET A 147 -9.63 4.74 3.51
C MET A 147 -11.10 4.97 3.25
N ASN A 148 -11.49 6.24 3.18
CA ASN A 148 -12.87 6.63 2.96
C ASN A 148 -12.93 8.16 2.78
N SER A 149 -13.73 8.65 1.84
CA SER A 149 -13.87 10.10 1.66
C SER A 149 -15.34 10.46 1.48
N GLU A 150 -16.23 9.65 2.02
CA GLU A 150 -17.66 9.89 1.92
C GLU A 150 -18.18 11.25 2.42
N ILE A 151 -17.63 11.79 3.49
CA ILE A 151 -18.08 13.09 3.99
C ILE A 151 -17.73 14.18 3.00
N ASP A 152 -16.48 14.13 2.49
CA ASP A 152 -15.96 15.05 1.46
C ASP A 152 -16.76 14.90 0.17
N ASN A 153 -17.07 13.66 -0.19
CA ASN A 153 -17.86 13.36 -1.36
C ASN A 153 -19.22 14.06 -1.24
N LEU A 154 -19.77 14.07 -0.03
CA LEU A 154 -21.06 14.70 0.23
C LEU A 154 -20.93 16.16 -0.13
N ALA A 155 -19.79 16.75 0.26
CA ALA A 155 -19.49 18.16 -0.02
C ALA A 155 -19.22 18.36 -1.48
N LEU A 156 -18.59 17.37 -2.14
CA LEU A 156 -18.33 17.50 -3.56
C LEU A 156 -19.69 17.55 -4.25
N LEU A 157 -20.52 16.54 -4.01
CA LEU A 157 -21.85 16.44 -4.57
C LEU A 157 -22.69 17.71 -4.28
N THR A 158 -22.72 18.14 -3.02
CA THR A 158 -23.47 19.33 -2.67
C THR A 158 -23.02 20.46 -3.58
N ALA A 159 -21.71 20.68 -3.65
CA ALA A 159 -21.11 21.74 -4.49
C ALA A 159 -21.38 21.59 -6.00
N LEU A 160 -21.57 20.37 -6.49
CA LEU A 160 -21.84 20.20 -7.91
C LEU A 160 -23.28 20.60 -8.20
N LYS A 161 -24.20 20.14 -7.37
CA LYS A 161 -25.62 20.46 -7.49
C LYS A 161 -25.82 21.94 -7.39
N ASP A 162 -25.18 22.57 -6.42
CA ASP A 162 -25.31 24.00 -6.25
C ASP A 162 -24.97 24.68 -7.59
N LYS A 163 -23.86 24.24 -8.20
CA LYS A 163 -23.35 24.78 -9.46
C LYS A 163 -24.15 24.38 -10.71
N TYR A 164 -24.61 23.15 -10.78
CA TYR A 164 -25.30 22.67 -11.96
C TYR A 164 -26.76 22.24 -11.78
N GLY A 165 -27.36 22.48 -10.61
CA GLY A 165 -28.71 22.03 -10.40
C GLY A 165 -28.63 20.58 -9.93
N GLU A 166 -29.69 20.11 -9.29
CA GLU A 166 -29.73 18.78 -8.74
C GLU A 166 -29.53 17.64 -9.71
N GLN A 167 -30.18 17.66 -10.86
CA GLN A 167 -29.98 16.53 -11.74
C GLN A 167 -28.58 16.46 -12.31
N LEU A 168 -28.12 17.56 -12.89
CA LEU A 168 -26.82 17.58 -13.49
C LEU A 168 -25.67 17.56 -12.47
N GLY A 169 -25.94 18.08 -11.27
CA GLY A 169 -24.96 18.08 -10.18
C GLY A 169 -24.71 16.62 -9.87
N VAL A 170 -25.77 15.82 -9.87
CA VAL A 170 -25.68 14.39 -9.63
C VAL A 170 -25.00 13.63 -10.76
N GLU A 171 -25.32 13.93 -12.01
CA GLU A 171 -24.69 13.21 -13.11
C GLU A 171 -23.20 13.54 -13.23
N PHE A 172 -22.82 14.78 -12.92
CA PHE A 172 -21.43 15.16 -12.98
C PHE A 172 -20.65 14.31 -11.96
N PHE A 173 -21.19 14.20 -10.73
CA PHE A 173 -20.58 13.41 -9.68
C PHE A 173 -20.37 11.94 -10.08
N ASN A 174 -21.27 11.35 -10.84
CA ASN A 174 -21.10 9.95 -11.22
C ASN A 174 -20.16 9.88 -12.39
N GLN A 175 -19.98 11.03 -13.04
CA GLN A 175 -19.10 11.11 -14.19
C GLN A 175 -17.68 11.11 -13.66
N ILE A 176 -17.42 11.89 -12.61
CA ILE A 176 -16.10 12.01 -12.01
C ILE A 176 -15.73 11.14 -10.79
N ASN A 177 -16.71 10.46 -10.19
CA ASN A 177 -16.47 9.57 -9.05
C ASN A 177 -17.46 8.44 -9.22
N TRP A 178 -17.37 7.80 -10.38
CA TRP A 178 -18.23 6.68 -10.74
C TRP A 178 -18.11 5.52 -9.76
N LEU A 179 -19.11 4.66 -9.72
CA LEU A 179 -19.10 3.48 -8.88
C LEU A 179 -18.17 2.52 -9.61
N ASN A 180 -18.38 2.35 -10.92
CA ASN A 180 -17.48 1.51 -11.71
C ASN A 180 -17.44 1.91 -13.18
N ASN A 181 -16.36 1.54 -13.84
CA ASN A 181 -16.18 1.86 -15.24
C ASN A 181 -15.88 0.51 -15.87
N PRO A 182 -16.80 0.01 -16.71
CA PRO A 182 -16.71 -1.30 -17.39
C PRO A 182 -15.50 -1.52 -18.27
N ASN A 183 -14.81 -0.42 -18.60
CA ASN A 183 -13.66 -0.48 -19.46
C ASN A 183 -12.31 -0.46 -18.69
N ALA A 184 -12.36 -0.57 -17.36
CA ALA A 184 -11.11 -0.56 -16.59
C ALA A 184 -10.35 -1.86 -16.84
N PRO A 185 -9.04 -1.73 -17.10
CA PRO A 185 -8.25 -2.95 -17.33
C PRO A 185 -8.34 -3.77 -16.00
N THR A 186 -8.57 -5.06 -16.09
CA THR A 186 -8.75 -5.90 -14.93
C THR A 186 -7.76 -7.10 -14.83
N THR A 187 -7.55 -7.60 -13.61
CA THR A 187 -6.66 -8.72 -13.38
C THR A 187 -7.28 -10.02 -13.88
N ILE A 188 -8.59 -10.16 -13.79
CA ILE A 188 -9.26 -11.38 -14.28
C ILE A 188 -10.04 -11.12 -15.58
N SER A 189 -10.00 -12.06 -16.53
CA SER A 189 -10.75 -11.83 -17.75
C SER A 189 -12.21 -11.86 -17.36
N SER A 190 -13.01 -11.00 -17.98
CA SER A 190 -14.43 -10.92 -17.69
C SER A 190 -15.14 -12.24 -17.89
N GLU A 191 -14.59 -13.10 -18.75
CA GLU A 191 -15.19 -14.42 -19.01
C GLU A 191 -15.01 -15.24 -17.77
N GLU A 192 -13.77 -15.29 -17.30
CA GLU A 192 -13.43 -16.05 -16.10
C GLU A 192 -14.12 -15.54 -14.84
N PHE A 193 -14.31 -14.24 -14.75
CA PHE A 193 -14.99 -13.65 -13.62
C PHE A 193 -15.46 -12.22 -13.87
N THR A 194 -16.78 -12.05 -13.72
CA THR A 194 -17.43 -10.75 -13.83
C THR A 194 -18.15 -10.62 -12.48
N TYR A 195 -18.02 -9.44 -11.88
CA TYR A 195 -18.63 -9.19 -10.61
C TYR A 195 -20.14 -8.90 -10.57
N SER A 196 -20.82 -9.62 -9.67
CA SER A 196 -22.26 -9.50 -9.38
C SER A 196 -22.45 -9.35 -7.84
N ASP A 197 -23.50 -8.61 -7.49
CA ASP A 197 -23.93 -8.28 -6.12
C ASP A 197 -23.13 -7.08 -5.61
N SER B 1 1.47 -0.84 -5.58
CA SER B 1 1.96 -2.22 -5.44
C SER B 1 1.63 -2.95 -6.68
N ASN B 2 2.61 -3.71 -7.19
CA ASN B 2 2.39 -4.50 -8.37
C ASN B 2 2.84 -5.95 -8.08
N VAL B 3 2.52 -6.86 -8.99
CA VAL B 3 2.91 -8.25 -8.88
C VAL B 3 2.68 -8.86 -10.26
N TRP B 4 3.46 -9.88 -10.64
CA TRP B 4 3.17 -10.60 -11.88
C TRP B 4 3.67 -12.00 -11.71
N LEU B 5 2.82 -12.93 -12.10
CA LEU B 5 3.13 -14.35 -12.00
C LEU B 5 2.82 -15.04 -13.33
N VAL B 6 3.56 -16.11 -13.62
CA VAL B 6 3.34 -16.92 -14.81
C VAL B 6 3.33 -18.39 -14.34
N GLY B 7 2.44 -19.19 -14.91
CA GLY B 7 2.31 -20.58 -14.54
C GLY B 7 3.07 -21.47 -15.52
N LYS B 8 2.70 -22.74 -15.54
CA LYS B 8 3.35 -23.71 -16.40
C LYS B 8 3.28 -23.39 -17.90
N THR B 9 2.22 -22.73 -18.31
CA THR B 9 2.02 -22.34 -19.71
C THR B 9 3.00 -21.26 -20.20
N LYS B 10 3.20 -20.21 -19.40
CA LYS B 10 4.11 -19.16 -19.79
C LYS B 10 5.45 -19.14 -19.10
N ALA B 11 5.67 -20.01 -18.10
CA ALA B 11 6.96 -20.00 -17.41
C ALA B 11 8.02 -20.66 -18.29
N SER B 12 9.23 -20.12 -18.31
CA SER B 12 10.33 -20.70 -19.10
C SER B 12 11.46 -21.16 -18.15
N GLY B 13 11.92 -22.40 -18.29
CA GLY B 13 12.95 -22.92 -17.40
C GLY B 13 12.49 -23.05 -15.93
N ALA B 14 11.16 -23.02 -15.74
CA ALA B 14 10.50 -23.07 -14.41
C ALA B 14 9.05 -23.54 -14.51
N LYS B 15 8.49 -23.98 -13.39
CA LYS B 15 7.11 -24.42 -13.38
C LYS B 15 6.17 -23.25 -13.11
N ALA B 16 6.64 -22.27 -12.34
CA ALA B 16 5.89 -21.06 -12.01
C ALA B 16 6.87 -20.00 -11.46
N ILE B 17 6.62 -18.73 -11.79
CA ILE B 17 7.49 -17.63 -11.32
C ILE B 17 6.54 -16.59 -10.70
N LEU B 18 6.96 -15.93 -9.63
CA LEU B 18 6.11 -14.92 -8.97
C LEU B 18 7.09 -13.79 -8.65
N LEU B 19 6.76 -12.59 -9.12
CA LEU B 19 7.57 -11.40 -8.88
C LEU B 19 6.58 -10.44 -8.25
N ASN B 20 6.84 -10.08 -7.01
CA ASN B 20 5.97 -9.18 -6.23
C ASN B 20 6.67 -7.87 -5.93
N GLY B 21 5.98 -6.73 -6.06
CA GLY B 21 6.57 -5.44 -5.74
C GLY B 21 5.72 -4.57 -4.84
N PRO B 22 5.55 -4.92 -3.57
CA PRO B 22 4.73 -4.13 -2.64
C PRO B 22 5.22 -2.66 -2.49
N GLN B 23 4.36 -1.66 -2.67
CA GLN B 23 4.83 -0.29 -2.53
C GLN B 23 4.30 0.41 -1.27
N PHE B 24 5.22 0.88 -0.43
CA PHE B 24 4.87 1.54 0.82
C PHE B 24 5.60 2.81 1.09
N GLY B 25 6.42 3.26 0.16
CA GLY B 25 7.26 4.41 0.44
C GLY B 25 8.61 3.75 0.73
N TRP B 26 9.63 4.56 0.99
CA TRP B 26 10.99 4.05 1.25
C TRP B 26 11.47 4.55 2.59
N PHE B 27 12.00 3.65 3.44
CA PHE B 27 12.39 4.09 4.79
C PHE B 27 13.67 3.53 5.32
N ASN B 28 14.21 4.20 6.35
CA ASN B 28 15.44 3.76 7.03
C ASN B 28 15.19 3.75 8.53
N PRO B 29 15.22 2.57 9.19
CA PRO B 29 15.49 1.24 8.64
C PRO B 29 14.43 0.82 7.63
N ALA B 30 14.63 -0.32 6.98
CA ALA B 30 13.75 -0.80 5.94
C ALA B 30 12.34 -1.05 6.41
N TYR B 31 11.37 -0.91 5.50
CA TYR B 31 9.96 -1.11 5.84
C TYR B 31 9.70 -2.56 6.19
N THR B 32 10.21 -3.47 5.38
CA THR B 32 10.05 -4.90 5.63
C THR B 32 11.27 -5.53 6.35
N TYR B 33 11.10 -6.77 6.82
CA TYR B 33 12.12 -7.51 7.58
C TYR B 33 12.25 -8.94 7.07
N GLY B 34 13.46 -9.46 6.82
CA GLY B 34 13.59 -10.84 6.35
C GLY B 34 13.50 -11.87 7.48
N ILE B 35 13.00 -13.07 7.19
CA ILE B 35 12.89 -14.07 8.26
C ILE B 35 12.63 -15.46 7.70
N GLY B 36 13.05 -16.47 8.45
CA GLY B 36 12.79 -17.86 8.13
C GLY B 36 12.26 -18.48 9.43
N LEU B 37 11.13 -19.17 9.40
CA LEU B 37 10.54 -19.82 10.60
C LEU B 37 10.54 -21.31 10.28
N HIS B 38 11.22 -22.11 11.10
CA HIS B 38 11.33 -23.56 10.84
C HIS B 38 11.01 -24.41 12.05
N GLY B 39 9.85 -25.05 12.02
CA GLY B 39 9.47 -25.93 13.11
C GLY B 39 8.05 -25.63 13.53
N ALA B 40 7.44 -26.58 14.24
CA ALA B 40 6.09 -26.41 14.73
C ALA B 40 5.04 -26.24 13.63
N GLY B 41 5.22 -26.85 12.48
CA GLY B 41 4.22 -26.69 11.43
C GLY B 41 4.50 -25.58 10.43
N PHE B 42 5.62 -24.92 10.66
CA PHE B 42 6.07 -23.83 9.81
C PHE B 42 7.36 -24.19 9.10
N ASN B 43 7.47 -23.66 7.88
CA ASN B 43 8.63 -23.79 7.05
C ASN B 43 8.51 -22.67 6.01
N ILE B 44 8.79 -21.44 6.44
CA ILE B 44 8.68 -20.25 5.59
C ILE B 44 9.93 -19.34 5.55
N VAL B 45 10.20 -18.79 4.38
CA VAL B 45 11.28 -17.83 4.21
C VAL B 45 10.71 -16.69 3.36
N GLY B 46 11.02 -15.46 3.73
CA GLY B 46 10.53 -14.33 2.98
C GLY B 46 10.90 -13.13 3.79
N ASN B 47 10.18 -12.04 3.60
CA ASN B 47 10.36 -10.76 4.31
C ASN B 47 8.94 -10.20 4.48
N THR B 48 8.69 -9.45 5.53
CA THR B 48 7.36 -8.97 5.81
C THR B 48 7.41 -7.59 6.50
N PRO B 49 6.38 -6.76 6.31
CA PRO B 49 6.39 -5.44 6.93
C PRO B 49 6.36 -5.47 8.45
N PHE B 50 7.15 -4.58 9.05
CA PHE B 50 7.22 -4.46 10.49
C PHE B 50 7.44 -5.80 11.22
N ALA B 51 8.01 -6.80 10.54
CA ALA B 51 8.29 -8.08 11.19
C ALA B 51 7.05 -8.73 11.84
N TYR B 52 5.91 -8.59 11.17
CA TYR B 52 4.66 -9.13 11.66
C TYR B 52 4.81 -10.64 11.74
N PRO B 53 4.05 -11.29 12.63
CA PRO B 53 4.11 -12.75 12.76
C PRO B 53 3.77 -13.35 11.37
N ALA B 54 2.88 -12.67 10.66
CA ALA B 54 2.45 -13.11 9.32
C ALA B 54 3.49 -12.65 8.29
N ILE B 55 4.03 -13.61 7.54
CA ILE B 55 5.02 -13.29 6.49
C ILE B 55 4.26 -13.09 5.20
N LEU B 56 4.15 -11.83 4.78
CA LEU B 56 3.42 -11.46 3.55
C LEU B 56 4.05 -11.83 2.21
N PHE B 57 5.38 -11.79 2.15
CA PHE B 57 6.13 -12.06 0.93
C PHE B 57 7.06 -13.23 1.09
N GLY B 58 6.64 -14.39 0.60
CA GLY B 58 7.47 -15.56 0.74
C GLY B 58 6.87 -16.84 0.20
N HIS B 59 7.47 -17.96 0.60
CA HIS B 59 7.03 -19.28 0.17
C HIS B 59 7.40 -20.27 1.27
N ASN B 60 6.82 -21.47 1.18
CA ASN B 60 7.05 -22.54 2.13
C ASN B 60 7.61 -23.78 1.46
N GLY B 61 8.09 -23.63 0.23
CA GLY B 61 8.65 -24.76 -0.49
C GLY B 61 7.66 -25.46 -1.40
N HIS B 62 6.36 -25.23 -1.16
CA HIS B 62 5.25 -25.83 -1.91
C HIS B 62 4.39 -24.83 -2.60
N VAL B 63 4.16 -23.72 -1.91
CA VAL B 63 3.33 -22.65 -2.37
C VAL B 63 4.06 -21.38 -2.04
N SER B 64 4.03 -20.46 -2.99
CA SER B 64 4.61 -19.11 -2.86
C SER B 64 3.36 -18.21 -2.91
N TRP B 65 3.47 -16.98 -2.40
CA TRP B 65 2.34 -16.08 -2.40
C TRP B 65 2.86 -14.67 -2.35
N GLY B 66 1.94 -13.73 -2.50
CA GLY B 66 2.31 -12.33 -2.43
C GLY B 66 1.04 -11.57 -2.37
N SER B 67 1.14 -10.25 -2.47
CA SER B 67 -0.05 -9.38 -2.43
C SER B 67 0.13 -7.93 -2.89
N THR B 68 -1.01 -7.28 -3.12
CA THR B 68 -1.09 -5.86 -3.51
C THR B 68 -2.39 -5.34 -2.80
N ALA B 69 -2.47 -4.06 -2.48
CA ALA B 69 -3.65 -3.52 -1.80
C ALA B 69 -4.87 -3.63 -2.71
N GLY B 70 -6.00 -4.07 -2.14
CA GLY B 70 -7.22 -4.25 -2.91
C GLY B 70 -8.13 -3.10 -3.31
N PHE B 71 -8.17 -2.03 -2.52
CA PHE B 71 -9.04 -0.88 -2.82
C PHE B 71 -10.56 -1.14 -3.09
N GLY B 72 -11.10 -2.21 -2.51
CA GLY B 72 -12.52 -2.47 -2.63
C GLY B 72 -13.19 -1.52 -1.62
N ASP B 73 -14.50 -1.63 -1.47
CA ASP B 73 -15.20 -0.75 -0.53
C ASP B 73 -15.88 -1.51 0.61
N GLY B 74 -15.17 -1.65 1.73
CA GLY B 74 -15.72 -2.33 2.88
C GLY B 74 -15.86 -1.41 4.09
N VAL B 75 -15.97 -0.10 3.86
CA VAL B 75 -16.07 0.92 4.92
C VAL B 75 -17.07 2.05 4.49
N ASP B 76 -18.20 2.15 5.19
CA ASP B 76 -19.22 3.17 4.89
C ASP B 76 -19.33 4.11 6.09
N ILE B 77 -19.79 5.35 5.85
CA ILE B 77 -20.03 6.34 6.93
C ILE B 77 -21.54 6.33 7.28
N PHE B 78 -21.86 6.31 8.57
CA PHE B 78 -23.25 6.34 9.00
C PHE B 78 -23.47 7.70 9.67
N ALA B 79 -24.46 8.48 9.20
CA ALA B 79 -24.73 9.78 9.78
C ALA B 79 -25.72 9.52 10.93
N GLU B 80 -25.19 9.47 12.15
CA GLU B 80 -26.01 9.18 13.33
C GLU B 80 -26.89 10.35 13.67
N GLN B 81 -28.13 10.09 14.06
CA GLN B 81 -29.04 11.14 14.49
C GLN B 81 -28.86 11.32 16.00
N VAL B 82 -28.29 12.46 16.33
CA VAL B 82 -27.96 12.84 17.68
C VAL B 82 -29.11 13.57 18.39
N SER B 83 -29.26 13.30 19.68
CA SER B 83 -30.28 13.97 20.44
C SER B 83 -29.92 15.44 20.51
N PRO B 84 -30.90 16.33 20.31
CA PRO B 84 -30.61 17.78 20.36
C PRO B 84 -30.19 18.25 21.78
N GLU B 85 -30.28 17.36 22.77
CA GLU B 85 -29.90 17.71 24.15
C GLU B 85 -28.91 16.75 24.83
N ASP B 86 -28.39 15.79 24.06
CA ASP B 86 -27.38 14.82 24.47
C ASP B 86 -26.69 14.35 23.21
N PRO B 87 -25.58 15.00 22.83
CA PRO B 87 -24.83 14.64 21.63
C PRO B 87 -24.27 13.24 21.72
N ASN B 88 -24.28 12.68 22.92
CA ASN B 88 -23.80 11.33 23.10
C ASN B 88 -24.90 10.29 23.11
N SER B 89 -26.12 10.70 22.75
CA SER B 89 -27.27 9.81 22.71
C SER B 89 -27.73 9.88 21.27
N TYR B 90 -27.94 8.74 20.65
CA TYR B 90 -28.34 8.75 19.26
C TYR B 90 -29.53 7.82 19.04
N LEU B 91 -30.30 8.09 17.99
CA LEU B 91 -31.47 7.28 17.67
C LEU B 91 -31.17 6.11 16.74
N HIS B 92 -31.47 4.88 17.17
CA HIS B 92 -31.21 3.67 16.36
C HIS B 92 -32.23 2.56 16.64
N GLN B 93 -32.86 2.06 15.59
CA GLN B 93 -33.84 1.00 15.69
C GLN B 93 -34.94 1.27 16.72
N GLY B 94 -35.42 2.50 16.76
CA GLY B 94 -36.47 2.85 17.66
C GLY B 94 -36.09 3.35 19.01
N GLN B 95 -34.81 3.24 19.33
CA GLN B 95 -34.36 3.64 20.63
C GLN B 95 -33.31 4.68 20.63
N TRP B 96 -33.38 5.53 21.65
CA TRP B 96 -32.39 6.57 21.87
C TRP B 96 -31.35 5.87 22.72
N LYS B 97 -30.23 5.54 22.06
CA LYS B 97 -29.12 4.83 22.65
C LYS B 97 -28.00 5.69 23.11
N LYS B 98 -27.38 5.28 24.20
CA LYS B 98 -26.23 6.03 24.70
C LYS B 98 -25.00 5.47 23.96
N MET B 99 -24.12 6.38 23.54
CA MET B 99 -22.88 6.03 22.83
C MET B 99 -21.89 5.44 23.85
N LEU B 100 -21.08 4.49 23.39
CA LEU B 100 -20.05 3.92 24.22
C LEU B 100 -19.01 5.02 24.26
N SER B 101 -18.26 5.10 25.35
CA SER B 101 -17.24 6.12 25.41
C SER B 101 -16.05 5.63 26.19
N ARG B 102 -14.96 6.40 26.09
CA ARG B 102 -13.76 6.07 26.82
C ARG B 102 -12.86 7.28 26.90
N GLN B 103 -12.21 7.43 28.05
CA GLN B 103 -11.26 8.53 28.26
C GLN B 103 -9.85 8.07 27.90
N GLU B 104 -9.13 8.88 27.15
CA GLU B 104 -7.75 8.57 26.82
C GLU B 104 -6.90 9.69 27.35
N THR B 105 -5.81 9.30 28.00
CA THR B 105 -4.84 10.22 28.60
C THR B 105 -3.51 10.12 27.90
N LEU B 106 -3.09 11.25 27.34
CA LEU B 106 -1.85 11.38 26.60
C LEU B 106 -0.77 12.00 27.45
N ASN B 107 0.32 11.29 27.72
CA ASN B 107 1.41 11.94 28.44
C ASN B 107 2.03 12.80 27.34
N VAL B 108 2.44 13.99 27.68
CA VAL B 108 3.05 14.82 26.66
C VAL B 108 4.35 15.35 27.23
N LYS B 109 5.46 15.00 26.59
CA LYS B 109 6.77 15.42 27.03
C LYS B 109 6.79 16.94 27.23
N GLY B 110 7.19 17.36 28.43
CA GLY B 110 7.23 18.78 28.76
C GLY B 110 5.93 19.50 29.09
N GLU B 111 4.79 18.82 29.11
CA GLU B 111 3.49 19.45 29.43
C GLU B 111 2.73 18.56 30.45
N GLN B 112 1.61 19.05 30.98
CA GLN B 112 0.81 18.22 31.87
C GLN B 112 -0.01 17.29 30.94
N PRO B 113 -0.32 16.07 31.41
CA PRO B 113 -1.08 15.14 30.59
C PRO B 113 -2.45 15.68 30.16
N ILE B 114 -2.88 15.21 29.01
CA ILE B 114 -4.12 15.66 28.42
C ILE B 114 -5.05 14.46 28.25
N THR B 115 -6.31 14.64 28.65
CA THR B 115 -7.30 13.60 28.52
C THR B 115 -8.40 14.14 27.62
N PHE B 116 -8.94 13.25 26.79
CA PHE B 116 -10.04 13.56 25.85
C PHE B 116 -10.97 12.32 25.76
N GLU B 117 -12.13 12.48 25.14
CA GLU B 117 -13.07 11.36 25.09
C GLU B 117 -13.35 10.85 23.71
N ILE B 118 -13.44 9.53 23.59
CA ILE B 118 -13.70 8.87 22.34
C ILE B 118 -15.01 8.10 22.48
N TYR B 119 -15.86 8.28 21.47
CA TYR B 119 -17.21 7.71 21.39
C TYR B 119 -17.35 6.68 20.28
N ARG B 120 -18.19 5.71 20.54
CA ARG B 120 -18.45 4.66 19.59
C ARG B 120 -19.93 4.26 19.67
N THR B 121 -20.53 4.09 18.50
CA THR B 121 -21.93 3.71 18.43
C THR B 121 -21.96 2.28 17.92
N VAL B 122 -23.17 1.81 17.60
CA VAL B 122 -23.45 0.49 17.05
C VAL B 122 -22.78 0.31 15.66
N HIS B 123 -22.51 1.39 14.92
CA HIS B 123 -21.89 1.27 13.57
C HIS B 123 -20.35 1.34 13.50
N GLY B 124 -19.70 1.91 14.51
CA GLY B 124 -18.25 2.03 14.56
C GLY B 124 -17.92 3.29 15.36
N ASN B 125 -16.66 3.75 15.31
CA ASN B 125 -16.25 4.93 16.05
C ASN B 125 -16.78 6.21 15.47
N VAL B 126 -17.09 7.18 16.34
CA VAL B 126 -17.59 8.46 15.86
C VAL B 126 -16.34 9.10 15.37
N VAL B 127 -16.42 9.54 14.12
CA VAL B 127 -15.30 10.13 13.39
C VAL B 127 -15.39 11.65 13.15
N LYS B 128 -16.60 12.20 13.18
CA LYS B 128 -16.79 13.61 12.95
C LYS B 128 -18.21 13.96 13.35
N ARG B 129 -18.41 15.21 13.72
CA ARG B 129 -19.73 15.66 14.11
C ARG B 129 -20.08 16.91 13.32
N ASP B 130 -21.38 17.13 13.13
CA ASP B 130 -21.85 18.33 12.51
C ASP B 130 -22.94 18.70 13.47
N LYS B 131 -22.72 19.75 14.26
CA LYS B 131 -23.73 20.11 15.25
C LYS B 131 -24.97 20.77 14.65
N THR B 132 -24.78 21.54 13.59
CA THR B 132 -25.90 22.23 12.94
C THR B 132 -27.02 21.25 12.51
N THR B 133 -26.66 20.05 12.04
CA THR B 133 -27.64 19.07 11.57
C THR B 133 -27.79 17.86 12.50
N HIS B 134 -27.35 18.03 13.75
CA HIS B 134 -27.38 17.00 14.78
C HIS B 134 -26.85 15.68 14.28
N THR B 135 -25.65 15.75 13.74
CA THR B 135 -25.01 14.57 13.20
C THR B 135 -23.69 14.24 13.88
N ALA B 136 -23.46 12.93 13.98
CA ALA B 136 -22.25 12.37 14.51
C ALA B 136 -22.03 11.24 13.54
N TYR B 137 -21.06 11.42 12.65
CA TYR B 137 -20.71 10.40 11.67
C TYR B 137 -19.90 9.32 12.35
N SER B 138 -20.18 8.09 11.97
CA SER B 138 -19.45 6.99 12.52
C SER B 138 -18.98 6.07 11.39
N LYS B 139 -17.78 5.50 11.55
CA LYS B 139 -17.21 4.65 10.54
C LYS B 139 -17.48 3.15 10.71
N ALA B 140 -18.23 2.57 9.78
CA ALA B 140 -18.52 1.15 9.83
C ALA B 140 -17.57 0.40 8.91
N ARG B 141 -16.88 -0.59 9.47
CA ARG B 141 -15.90 -1.41 8.70
C ARG B 141 -16.35 -2.86 8.62
N ALA B 142 -16.32 -3.44 7.44
CA ALA B 142 -16.73 -4.83 7.28
C ALA B 142 -15.74 -5.77 7.98
N TRP B 143 -14.56 -5.25 8.33
CA TRP B 143 -13.55 -6.03 9.03
C TRP B 143 -13.48 -5.78 10.54
N ASP B 144 -14.30 -4.88 11.07
CA ASP B 144 -14.32 -4.60 12.51
C ASP B 144 -14.67 -5.92 13.23
N GLY B 145 -13.95 -6.23 14.30
CA GLY B 145 -14.18 -7.48 15.01
C GLY B 145 -13.49 -8.68 14.36
N LYS B 146 -12.99 -8.51 13.13
CA LYS B 146 -12.30 -9.59 12.44
C LYS B 146 -10.78 -9.33 12.19
N GLU B 147 -10.23 -8.33 12.87
CA GLU B 147 -8.82 -7.99 12.75
C GLU B 147 -7.92 -9.19 13.07
N LEU B 148 -8.03 -9.74 14.27
CA LEU B 148 -7.17 -10.85 14.65
C LEU B 148 -7.37 -12.08 13.80
N THR B 149 -8.62 -12.41 13.47
CA THR B 149 -8.86 -13.61 12.66
C THR B 149 -8.26 -13.45 11.29
N SER B 150 -8.21 -12.20 10.81
CA SER B 150 -7.61 -11.85 9.53
C SER B 150 -6.07 -11.96 9.61
N LEU B 151 -5.48 -11.52 10.73
CA LEU B 151 -4.03 -11.60 10.92
C LEU B 151 -3.64 -13.08 10.94
N MET B 152 -4.47 -13.90 11.57
CA MET B 152 -4.23 -15.33 11.68
C MET B 152 -4.48 -16.14 10.42
N ALA B 153 -5.42 -15.69 9.57
CA ALA B 153 -5.68 -16.34 8.28
C ALA B 153 -4.42 -15.99 7.52
N TRP B 154 -3.87 -14.81 7.81
CA TRP B 154 -2.63 -14.36 7.20
C TRP B 154 -1.38 -15.15 7.61
N VAL B 155 -1.28 -15.62 8.85
CA VAL B 155 -0.11 -16.44 9.15
C VAL B 155 -0.36 -17.86 8.62
N LYS B 156 -1.62 -18.31 8.68
CA LYS B 156 -2.00 -19.67 8.25
C LYS B 156 -1.98 -19.95 6.73
N GLN B 157 -2.19 -18.93 5.91
CA GLN B 157 -2.13 -19.13 4.46
C GLN B 157 -0.68 -19.54 4.11
N GLY B 158 0.27 -19.12 4.96
CA GLY B 158 1.68 -19.44 4.78
C GLY B 158 1.99 -20.92 4.95
N GLN B 159 1.04 -21.66 5.48
CA GLN B 159 1.23 -23.07 5.67
C GLN B 159 0.42 -23.87 4.66
N ALA B 160 -0.31 -23.17 3.79
CA ALA B 160 -1.13 -23.80 2.77
C ALA B 160 -0.23 -24.63 1.90
N GLN B 161 -0.73 -25.79 1.49
CA GLN B 161 0.04 -26.71 0.66
C GLN B 161 -0.63 -26.89 -0.68
N ASN B 162 -1.81 -26.31 -0.86
CA ASN B 162 -2.53 -26.39 -2.12
C ASN B 162 -3.51 -25.25 -2.26
N TRP B 163 -4.16 -25.17 -3.41
CA TRP B 163 -5.10 -24.10 -3.66
C TRP B 163 -6.32 -24.13 -2.72
N GLN B 164 -6.90 -25.29 -2.47
CA GLN B 164 -8.06 -25.32 -1.59
C GLN B 164 -7.72 -24.90 -0.18
N GLN B 165 -6.56 -25.35 0.31
CA GLN B 165 -6.11 -24.96 1.66
C GLN B 165 -5.86 -23.46 1.80
N TRP B 166 -5.43 -22.86 0.71
CA TRP B 166 -5.12 -21.45 0.69
C TRP B 166 -6.44 -20.65 0.65
N LEU B 167 -7.41 -21.11 -0.13
CA LEU B 167 -8.69 -20.44 -0.23
C LEU B 167 -9.39 -20.44 1.13
N ASP B 168 -9.20 -21.51 1.90
CA ASP B 168 -9.79 -21.62 3.24
C ASP B 168 -9.30 -20.58 4.23
N GLN B 169 -8.18 -19.93 3.92
CA GLN B 169 -7.63 -18.88 4.75
C GLN B 169 -8.02 -17.53 4.16
N ALA B 170 -7.98 -17.45 2.84
CA ALA B 170 -8.32 -16.22 2.10
C ALA B 170 -9.73 -15.77 2.47
N GLN B 171 -10.64 -16.73 2.63
CA GLN B 171 -12.04 -16.48 3.01
C GLN B 171 -12.16 -15.83 4.35
N ASN B 172 -11.15 -16.03 5.20
CA ASN B 172 -11.15 -15.45 6.54
C ASN B 172 -10.34 -14.18 6.70
N GLN B 173 -9.72 -13.74 5.61
CA GLN B 173 -8.95 -12.51 5.62
C GLN B 173 -9.98 -11.43 5.19
N ALA B 174 -10.27 -10.50 6.09
CA ALA B 174 -11.30 -9.46 5.88
C ALA B 174 -10.93 -8.08 5.36
N LEU B 175 -9.63 -7.77 5.28
CA LEU B 175 -9.18 -6.47 4.78
C LEU B 175 -9.15 -6.53 3.25
N THR B 176 -9.29 -5.39 2.61
CA THR B 176 -9.30 -5.37 1.14
C THR B 176 -7.87 -5.46 0.63
N ILE B 177 -7.45 -6.69 0.47
CA ILE B 177 -6.11 -7.02 0.05
C ILE B 177 -6.18 -8.05 -1.10
N ASN B 178 -5.42 -7.82 -2.17
CA ASN B 178 -5.37 -8.79 -3.27
C ASN B 178 -4.31 -9.83 -2.86
N TRP B 179 -4.57 -11.15 -3.02
CA TRP B 179 -3.60 -12.23 -2.71
C TRP B 179 -3.29 -13.07 -3.95
N TYR B 180 -2.03 -13.48 -4.09
CA TYR B 180 -1.57 -14.24 -5.23
C TYR B 180 -0.97 -15.56 -4.80
N TYR B 181 -1.20 -16.56 -5.64
CA TYR B 181 -0.77 -17.94 -5.42
C TYR B 181 -0.02 -18.48 -6.63
N ALA B 182 1.02 -19.25 -6.36
CA ALA B 182 1.83 -19.94 -7.36
C ALA B 182 2.29 -21.18 -6.59
N ASP B 183 2.38 -22.32 -7.27
CA ASP B 183 2.82 -23.53 -6.60
C ASP B 183 3.77 -24.42 -7.41
N LYS B 184 4.40 -25.37 -6.73
CA LYS B 184 5.34 -26.29 -7.35
C LYS B 184 4.86 -27.06 -8.60
N ASP B 185 3.55 -27.09 -8.80
CA ASP B 185 3.02 -27.76 -9.96
C ASP B 185 2.71 -26.82 -11.11
N GLY B 186 2.97 -25.53 -10.94
CA GLY B 186 2.72 -24.62 -12.03
C GLY B 186 1.37 -24.00 -12.05
N ASN B 187 0.61 -24.21 -10.97
CA ASN B 187 -0.72 -23.62 -10.81
C ASN B 187 -0.50 -22.24 -10.26
N ILE B 188 -1.28 -21.28 -10.75
CA ILE B 188 -1.22 -19.89 -10.31
C ILE B 188 -2.66 -19.54 -9.99
N GLY B 189 -2.89 -18.59 -9.07
CA GLY B 189 -4.23 -18.18 -8.69
C GLY B 189 -4.22 -16.79 -8.05
N TYR B 190 -5.37 -16.16 -8.01
CA TYR B 190 -5.47 -14.82 -7.48
C TYR B 190 -6.80 -14.77 -6.79
N VAL B 191 -6.89 -14.03 -5.68
CA VAL B 191 -8.17 -13.81 -4.97
C VAL B 191 -8.18 -12.41 -4.40
N HIS B 192 -9.17 -11.62 -4.79
CA HIS B 192 -9.29 -10.29 -4.19
C HIS B 192 -10.01 -10.60 -2.86
N THR B 193 -9.25 -10.62 -1.76
CA THR B 193 -9.79 -10.98 -0.47
C THR B 193 -10.44 -9.85 0.29
N GLY B 194 -11.26 -10.19 1.28
CA GLY B 194 -11.95 -9.18 2.06
C GLY B 194 -13.42 -9.46 2.25
N HIS B 195 -13.97 -8.83 3.28
CA HIS B 195 -15.37 -8.96 3.62
C HIS B 195 -16.02 -7.67 3.18
N TYR B 196 -17.04 -7.79 2.34
CA TYR B 196 -17.76 -6.64 1.79
C TYR B 196 -19.24 -6.64 2.24
N PRO B 197 -19.74 -5.48 2.70
CA PRO B 197 -21.13 -5.43 3.15
C PRO B 197 -22.18 -5.81 2.13
N ASP B 198 -23.23 -6.46 2.62
CA ASP B 198 -24.39 -6.78 1.79
C ASP B 198 -25.26 -5.56 2.22
N ARG B 199 -25.23 -4.50 1.42
CA ARG B 199 -25.95 -3.26 1.69
C ARG B 199 -27.42 -3.22 1.30
N GLN B 200 -28.18 -2.35 1.95
CA GLN B 200 -29.58 -2.15 1.62
C GLN B 200 -29.60 -1.70 0.17
N ILE B 201 -30.56 -2.21 -0.58
CA ILE B 201 -30.72 -1.82 -1.98
C ILE B 201 -30.81 -0.29 -1.95
N ASN B 202 -30.09 0.34 -2.87
CA ASN B 202 -30.13 1.79 -2.98
C ASN B 202 -29.24 2.57 -2.04
N HIS B 203 -28.41 1.88 -1.29
CA HIS B 203 -27.48 2.51 -0.37
C HIS B 203 -26.30 2.89 -1.29
N ASP B 204 -26.04 4.19 -1.44
CA ASP B 204 -24.91 4.63 -2.24
C ASP B 204 -23.69 4.49 -1.33
N PRO B 205 -22.79 3.56 -1.66
CA PRO B 205 -21.61 3.37 -0.81
C PRO B 205 -20.64 4.49 -0.87
N ARG B 206 -20.92 5.47 -1.73
CA ARG B 206 -20.04 6.63 -1.91
C ARG B 206 -20.34 7.81 -1.03
N LEU B 207 -21.48 7.77 -0.35
CA LEU B 207 -21.91 8.88 0.49
C LEU B 207 -22.46 8.37 1.79
N PRO B 208 -22.51 9.20 2.84
CA PRO B 208 -23.04 8.72 4.12
C PRO B 208 -24.50 8.28 3.96
N VAL B 209 -24.96 7.41 4.87
CA VAL B 209 -26.34 6.94 4.89
C VAL B 209 -26.74 7.18 6.34
N SER B 210 -28.02 7.34 6.57
CA SER B 210 -28.56 7.59 7.91
C SER B 210 -28.28 6.37 8.81
N GLY B 211 -27.91 6.62 10.06
CA GLY B 211 -27.63 5.50 10.95
C GLY B 211 -28.80 5.17 11.88
N THR B 212 -30.01 5.61 11.55
CA THR B 212 -31.15 5.30 12.41
C THR B 212 -31.55 3.84 12.34
N GLY B 213 -30.92 3.08 11.43
CA GLY B 213 -31.18 1.66 11.33
C GLY B 213 -31.73 1.07 10.05
N GLU B 214 -32.42 1.89 9.27
CA GLU B 214 -33.05 1.42 8.05
C GLU B 214 -32.05 1.09 6.97
N TRP B 215 -30.86 1.68 7.13
CA TRP B 215 -29.77 1.51 6.19
C TRP B 215 -28.66 0.61 6.60
N ASP B 216 -28.82 -0.02 7.77
CA ASP B 216 -27.83 -0.93 8.28
C ASP B 216 -27.56 -2.06 7.28
N TRP B 217 -26.32 -2.51 7.20
CA TRP B 217 -25.98 -3.61 6.32
C TRP B 217 -26.82 -4.83 6.68
N LYS B 218 -27.21 -5.57 5.66
CA LYS B 218 -28.02 -6.76 5.86
C LYS B 218 -27.13 -7.86 6.37
N GLY B 219 -25.87 -7.85 5.95
CA GLY B 219 -24.92 -8.85 6.38
C GLY B 219 -23.60 -8.62 5.69
N ILE B 220 -22.85 -9.68 5.52
CA ILE B 220 -21.56 -9.59 4.83
C ILE B 220 -21.66 -10.51 3.63
N GLN B 221 -21.18 -10.05 2.48
CA GLN B 221 -21.27 -10.85 1.32
C GLN B 221 -20.46 -12.09 1.45
N PRO B 222 -20.93 -13.19 0.82
CA PRO B 222 -20.29 -14.51 0.82
C PRO B 222 -19.02 -14.48 -0.03
N PHE B 223 -18.05 -15.29 0.37
CA PHE B 223 -16.77 -15.42 -0.30
C PHE B 223 -16.94 -15.64 -1.82
N ALA B 224 -18.00 -16.33 -2.21
CA ALA B 224 -18.27 -16.59 -3.62
C ALA B 224 -18.37 -15.36 -4.51
N ASN B 225 -18.66 -14.19 -3.90
CA ASN B 225 -18.74 -12.96 -4.67
C ASN B 225 -17.38 -12.37 -4.94
N ASN B 226 -16.40 -12.77 -4.13
CA ASN B 226 -15.04 -12.23 -4.23
C ASN B 226 -14.38 -12.66 -5.54
N PRO B 227 -13.97 -11.67 -6.37
CA PRO B 227 -13.30 -11.94 -7.66
C PRO B 227 -12.09 -12.88 -7.40
N LYS B 228 -11.95 -13.92 -8.21
CA LYS B 228 -10.85 -14.86 -8.05
C LYS B 228 -10.64 -15.60 -9.34
N VAL B 229 -9.44 -16.14 -9.53
CA VAL B 229 -9.13 -16.94 -10.72
C VAL B 229 -8.11 -18.00 -10.36
N TYR B 230 -8.24 -19.17 -10.98
CA TYR B 230 -7.28 -20.23 -10.78
C TYR B 230 -6.88 -20.63 -12.18
N ASN B 231 -5.58 -20.54 -12.48
CA ASN B 231 -4.99 -20.88 -13.80
C ASN B 231 -5.70 -20.18 -14.98
N PRO B 232 -5.69 -18.84 -14.96
CA PRO B 232 -6.32 -18.03 -16.02
C PRO B 232 -5.90 -18.45 -17.41
N LYS B 233 -6.83 -18.28 -18.31
CA LYS B 233 -6.67 -18.61 -19.71
C LYS B 233 -5.43 -17.92 -20.24
N SER B 234 -5.27 -16.64 -19.88
CA SER B 234 -4.15 -15.85 -20.35
C SER B 234 -2.76 -16.40 -20.05
N GLY B 235 -2.66 -17.30 -19.07
CA GLY B 235 -1.38 -17.86 -18.70
C GLY B 235 -0.59 -17.00 -17.71
N TYR B 236 -1.12 -15.83 -17.35
CA TYR B 236 -0.46 -14.93 -16.39
C TYR B 236 -1.47 -14.16 -15.56
N ILE B 237 -0.97 -13.49 -14.52
CA ILE B 237 -1.77 -12.66 -13.61
C ILE B 237 -0.88 -11.46 -13.26
N ALA B 238 -1.38 -10.25 -13.48
CA ALA B 238 -0.63 -9.02 -13.15
C ALA B 238 -1.60 -8.09 -12.50
N ASN B 239 -1.09 -7.25 -11.58
CA ASN B 239 -1.87 -6.26 -10.82
C ASN B 239 -0.93 -5.16 -10.37
N TRP B 240 -1.41 -3.92 -10.45
CA TRP B 240 -0.70 -2.71 -10.03
C TRP B 240 -1.76 -1.82 -9.40
N ASN B 241 -2.56 -2.43 -8.51
CA ASN B 241 -3.70 -1.83 -7.81
C ASN B 241 -4.87 -1.49 -8.73
N ASN B 242 -4.95 -2.19 -9.85
CA ASN B 242 -6.03 -2.03 -10.81
C ASN B 242 -7.24 -2.85 -10.34
N SER B 243 -8.34 -2.75 -11.06
CA SER B 243 -9.56 -3.50 -10.75
C SER B 243 -9.32 -5.00 -10.88
N PRO B 244 -9.96 -5.77 -9.98
CA PRO B 244 -9.82 -7.24 -9.99
C PRO B 244 -10.55 -7.90 -11.15
N ALA B 245 -11.74 -7.38 -11.43
CA ALA B 245 -12.62 -7.94 -12.43
C ALA B 245 -13.66 -6.90 -12.88
N LYS B 246 -14.22 -7.12 -14.07
CA LYS B 246 -15.21 -6.23 -14.64
C LYS B 246 -16.36 -5.94 -13.68
N ASN B 247 -16.67 -4.66 -13.57
CA ASN B 247 -17.75 -4.20 -12.72
C ASN B 247 -17.49 -4.19 -11.22
N TYR B 248 -16.28 -4.56 -10.84
CA TYR B 248 -15.97 -4.54 -9.43
C TYR B 248 -15.85 -3.08 -8.96
N PRO B 249 -16.60 -2.72 -7.90
CA PRO B 249 -16.59 -1.36 -7.33
C PRO B 249 -15.43 -1.07 -6.39
N ALA B 250 -14.74 0.00 -6.69
CA ALA B 250 -13.62 0.42 -5.89
C ALA B 250 -14.16 1.18 -4.67
N SER B 251 -13.24 1.54 -3.78
CA SER B 251 -13.50 2.34 -2.62
C SER B 251 -14.13 3.68 -3.06
N ASP B 252 -14.89 4.28 -2.16
CA ASP B 252 -15.55 5.55 -2.38
C ASP B 252 -14.59 6.74 -2.53
N LEU B 253 -13.33 6.55 -2.13
CA LEU B 253 -12.28 7.59 -2.22
C LEU B 253 -12.41 8.39 -3.52
N PHE B 254 -12.44 9.72 -3.43
CA PHE B 254 -12.61 10.51 -4.64
C PHE B 254 -11.38 10.43 -5.53
N ALA B 255 -10.24 10.33 -4.87
CA ALA B 255 -8.95 10.29 -5.54
C ALA B 255 -8.59 9.02 -6.27
N PHE B 256 -9.31 7.95 -5.97
CA PHE B 256 -9.01 6.63 -6.51
C PHE B 256 -10.04 6.13 -7.51
N LEU B 257 -9.59 5.87 -8.72
CA LEU B 257 -10.46 5.39 -9.76
C LEU B 257 -9.83 4.27 -10.57
N TRP B 258 -10.65 3.36 -11.06
CA TRP B 258 -10.22 2.30 -11.97
C TRP B 258 -10.98 2.72 -13.23
N GLY B 259 -10.25 3.32 -14.17
CA GLY B 259 -10.83 3.81 -15.39
C GLY B 259 -10.11 3.19 -16.55
N SER B 260 -10.41 3.72 -17.74
CA SER B 260 -9.84 3.26 -19.00
C SER B 260 -8.31 3.28 -18.97
N ALA B 261 -7.75 4.38 -18.45
CA ALA B 261 -6.31 4.56 -18.32
C ALA B 261 -5.87 3.86 -17.05
N ASP B 262 -4.93 2.91 -17.18
CA ASP B 262 -4.45 2.18 -16.01
C ASP B 262 -3.02 1.67 -16.14
N ARG B 263 -2.17 2.02 -15.16
CA ARG B 263 -0.75 1.61 -15.17
C ARG B 263 -0.49 0.11 -15.33
N VAL B 264 -1.46 -0.75 -15.02
CA VAL B 264 -1.26 -2.20 -15.17
C VAL B 264 -0.93 -2.61 -16.62
N LYS B 265 -1.41 -1.83 -17.61
CA LYS B 265 -1.10 -2.14 -19.02
C LYS B 265 0.44 -2.17 -19.29
N GLU B 266 1.22 -1.37 -18.54
CA GLU B 266 2.68 -1.38 -18.68
C GLU B 266 3.22 -2.78 -18.37
N ILE B 267 2.52 -3.51 -17.52
CA ILE B 267 2.92 -4.86 -17.15
C ILE B 267 2.39 -5.87 -18.18
N ASP B 268 1.07 -5.91 -18.39
CA ASP B 268 0.46 -6.84 -19.33
C ASP B 268 1.14 -6.80 -20.69
N ASN B 269 1.40 -5.59 -21.15
CA ASN B 269 1.99 -5.42 -22.48
C ASN B 269 3.35 -6.08 -22.59
N ARG B 270 4.16 -5.86 -21.58
CA ARG B 270 5.48 -6.42 -21.55
C ARG B 270 5.48 -7.94 -21.49
N ILE B 271 4.55 -8.50 -20.70
CA ILE B 271 4.42 -9.96 -20.54
C ILE B 271 3.93 -10.61 -21.82
N GLU B 272 2.95 -9.98 -22.47
CA GLU B 272 2.38 -10.50 -23.70
C GLU B 272 3.33 -10.49 -24.89
N ALA B 273 4.37 -9.67 -24.77
CA ALA B 273 5.41 -9.55 -25.78
C ALA B 273 6.26 -10.82 -25.85
N TYR B 274 6.30 -11.58 -24.74
CA TYR B 274 7.06 -12.84 -24.70
C TYR B 274 6.09 -13.97 -24.81
N ASP B 275 6.55 -15.08 -25.34
CA ASP B 275 5.75 -16.28 -25.46
C ASP B 275 5.87 -17.00 -24.07
N LYS B 276 7.10 -17.15 -23.58
CA LYS B 276 7.37 -17.77 -22.29
C LYS B 276 8.45 -16.90 -21.70
N LEU B 277 8.32 -16.60 -20.41
CA LEU B 277 9.28 -15.74 -19.71
C LEU B 277 10.09 -16.54 -18.70
N THR B 278 11.38 -16.24 -18.65
CA THR B 278 12.22 -16.91 -17.66
C THR B 278 12.14 -15.95 -16.48
N ALA B 279 12.75 -16.34 -15.36
CA ALA B 279 12.76 -15.51 -14.17
C ALA B 279 13.57 -14.25 -14.46
N ASP B 280 14.54 -14.35 -15.36
CA ASP B 280 15.34 -13.17 -15.75
C ASP B 280 14.52 -12.17 -16.60
N ASP B 281 13.61 -12.69 -17.44
CA ASP B 281 12.74 -11.87 -18.28
C ASP B 281 11.79 -11.14 -17.35
N MET B 282 11.23 -11.90 -16.40
CA MET B 282 10.36 -11.34 -15.37
C MET B 282 11.04 -10.18 -14.63
N TRP B 283 12.28 -10.40 -14.21
CA TRP B 283 13.04 -9.36 -13.50
C TRP B 283 13.30 -8.16 -14.44
N ALA B 284 13.40 -8.42 -15.76
CA ALA B 284 13.60 -7.36 -16.76
C ALA B 284 12.42 -6.35 -16.81
N ILE B 285 11.21 -6.88 -16.64
CA ILE B 285 10.00 -6.07 -16.63
C ILE B 285 9.98 -5.19 -15.42
N LEU B 286 10.74 -5.56 -14.39
CA LEU B 286 10.79 -4.78 -13.17
C LEU B 286 11.59 -3.53 -13.42
N GLN B 287 12.73 -3.69 -14.07
CA GLN B 287 13.56 -2.52 -14.43
C GLN B 287 12.77 -1.60 -15.38
N GLN B 288 12.08 -2.18 -16.36
CA GLN B 288 11.28 -1.39 -17.33
C GLN B 288 10.18 -0.59 -16.67
N THR B 289 9.30 -1.28 -15.94
CA THR B 289 8.21 -0.62 -15.24
C THR B 289 8.69 0.42 -14.19
N SER B 290 9.88 0.25 -13.60
CA SER B 290 10.41 1.20 -12.62
C SER B 290 10.72 2.53 -13.27
N ARG B 291 11.11 2.49 -14.53
CA ARG B 291 11.52 3.69 -15.27
C ARG B 291 10.56 4.29 -16.32
N VAL B 292 9.57 3.53 -16.76
CA VAL B 292 8.63 4.00 -17.77
C VAL B 292 7.71 5.12 -17.30
N ASP B 293 7.67 6.22 -18.05
CA ASP B 293 6.77 7.32 -17.72
C ASP B 293 5.36 6.79 -18.10
N LEU B 294 4.45 6.73 -17.11
CA LEU B 294 3.08 6.19 -17.24
C LEU B 294 2.08 6.92 -18.15
N ASN B 295 2.33 8.21 -18.34
CA ASN B 295 1.47 9.04 -19.18
C ASN B 295 1.85 9.05 -20.64
N HIS B 296 3.08 8.64 -20.95
CA HIS B 296 3.58 8.63 -22.33
C HIS B 296 2.72 7.79 -23.27
N ARG B 297 2.52 6.52 -22.90
CA ARG B 297 1.74 5.56 -23.67
C ARG B 297 0.29 6.05 -23.91
N LEU B 298 -0.32 6.64 -22.87
CA LEU B 298 -1.69 7.12 -22.92
C LEU B 298 -1.90 8.39 -23.70
N PHE B 299 -1.10 9.39 -23.42
CA PHE B 299 -1.31 10.67 -24.03
C PHE B 299 -0.73 11.05 -25.36
N THR B 300 0.46 10.54 -25.69
CA THR B 300 1.07 10.88 -26.98
C THR B 300 0.16 10.69 -28.21
N PRO B 301 -0.61 9.60 -28.29
CA PRO B 301 -1.48 9.43 -29.47
C PRO B 301 -2.49 10.56 -29.69
N PHE B 302 -2.84 11.27 -28.63
CA PHE B 302 -3.78 12.39 -28.73
C PHE B 302 -3.00 13.59 -29.20
N LEU B 303 -1.75 13.66 -28.73
CA LEU B 303 -0.84 14.73 -29.08
C LEU B 303 -0.54 14.65 -30.61
N THR B 304 -0.39 13.42 -31.09
CA THR B 304 -0.11 13.13 -32.49
C THR B 304 -1.24 13.56 -33.37
N GLN B 305 -2.46 13.30 -32.88
CA GLN B 305 -3.68 13.62 -33.59
C GLN B 305 -3.91 15.10 -33.76
N ALA B 306 -3.78 15.84 -32.66
CA ALA B 306 -4.00 17.29 -32.64
C ALA B 306 -2.98 18.05 -33.45
N THR B 307 -1.78 17.50 -33.60
CA THR B 307 -0.74 18.18 -34.33
C THR B 307 -0.52 17.63 -35.71
N GLN B 308 -1.32 16.66 -36.14
CA GLN B 308 -1.17 16.18 -37.50
C GLN B 308 -1.53 17.39 -38.38
N GLY B 309 -0.80 17.62 -39.46
CA GLY B 309 -1.18 18.76 -40.26
C GLY B 309 -0.36 19.98 -39.98
N LEU B 310 0.37 20.02 -38.87
CA LEU B 310 1.23 21.17 -38.58
C LEU B 310 2.58 20.79 -39.20
N PRO B 311 3.35 21.78 -39.69
CA PRO B 311 4.62 21.43 -40.30
C PRO B 311 5.65 20.98 -39.26
N SER B 312 6.72 20.37 -39.73
CA SER B 312 7.76 19.86 -38.84
C SER B 312 8.45 20.86 -37.94
N ASN B 313 8.59 22.08 -38.41
CA ASN B 313 9.24 23.15 -37.66
C ASN B 313 8.28 23.85 -36.70
N ASP B 314 7.05 23.38 -36.65
CA ASP B 314 6.10 23.96 -35.73
C ASP B 314 6.59 23.57 -34.33
N ASN B 315 6.55 24.51 -33.39
CA ASN B 315 6.99 24.28 -32.01
C ASN B 315 6.31 23.18 -31.26
N SER B 316 4.99 23.16 -31.26
CA SER B 316 4.28 22.10 -30.57
C SER B 316 4.60 20.76 -31.22
N VAL B 317 5.05 20.77 -32.49
CA VAL B 317 5.40 19.55 -33.23
C VAL B 317 6.81 19.10 -32.85
N LYS B 318 7.65 20.04 -32.44
CA LYS B 318 9.00 19.69 -31.99
C LYS B 318 8.82 18.78 -30.79
N LEU B 319 7.94 19.21 -29.89
CA LEU B 319 7.58 18.46 -28.69
C LEU B 319 6.98 17.08 -28.95
N VAL B 320 5.95 17.03 -29.80
CA VAL B 320 5.28 15.79 -30.12
C VAL B 320 6.26 14.80 -30.76
N SER B 321 7.14 15.31 -31.60
CA SER B 321 8.17 14.50 -32.26
C SER B 321 9.11 13.88 -31.23
N MET B 322 9.54 14.68 -30.26
CA MET B 322 10.42 14.17 -29.21
C MET B 322 9.75 13.01 -28.50
N LEU B 323 8.45 13.16 -28.25
CA LEU B 323 7.64 12.14 -27.60
C LEU B 323 7.31 10.92 -28.47
N GLN B 324 6.95 11.11 -29.74
CA GLN B 324 6.65 9.95 -30.59
C GLN B 324 7.89 9.10 -30.78
N GLN B 325 9.06 9.72 -30.71
CA GLN B 325 10.31 8.99 -30.91
C GLN B 325 10.88 8.34 -29.64
N TRP B 326 10.26 8.60 -28.51
CA TRP B 326 10.69 8.10 -27.21
C TRP B 326 10.06 6.78 -26.86
N ASP B 327 10.79 5.92 -26.16
CA ASP B 327 10.23 4.65 -25.74
C ASP B 327 9.52 4.76 -24.37
N GLY B 328 9.64 5.92 -23.72
CA GLY B 328 8.98 6.11 -22.45
C GLY B 328 9.87 5.78 -21.28
N ILE B 329 10.97 5.08 -21.55
CA ILE B 329 11.92 4.65 -20.53
C ILE B 329 12.97 5.68 -20.14
N ASN B 330 12.79 6.26 -18.96
CA ASN B 330 13.67 7.29 -18.46
C ASN B 330 14.98 6.68 -18.02
N GLN B 331 16.03 7.47 -18.16
CA GLN B 331 17.41 7.11 -17.80
C GLN B 331 18.06 8.31 -17.16
N LEU B 332 18.91 8.03 -16.18
CA LEU B 332 19.64 9.05 -15.44
C LEU B 332 20.80 9.56 -16.27
N SER B 333 21.02 10.86 -16.21
CA SER B 333 22.12 11.46 -16.96
C SER B 333 23.39 10.97 -16.28
N SER B 334 24.54 11.31 -16.85
CA SER B 334 25.80 10.91 -16.26
C SER B 334 26.06 11.62 -14.92
N ASP B 335 25.59 12.85 -14.73
CA ASP B 335 25.80 13.49 -13.45
C ASP B 335 24.78 12.98 -12.37
N GLY B 336 23.86 12.12 -12.78
CA GLY B 336 22.89 11.57 -11.84
C GLY B 336 21.80 12.48 -11.28
N LYS B 337 21.80 13.75 -11.71
CA LYS B 337 20.82 14.73 -11.29
C LYS B 337 19.77 15.10 -12.33
N HIS B 338 19.82 14.44 -13.49
CA HIS B 338 18.92 14.77 -14.61
C HIS B 338 18.50 13.55 -15.39
N TYR B 339 17.49 13.74 -16.25
CA TYR B 339 17.03 12.69 -17.17
C TYR B 339 17.68 12.95 -18.54
N ILE B 340 17.96 11.89 -19.27
CA ILE B 340 18.55 12.10 -20.57
C ILE B 340 17.53 12.57 -21.60
N HIS B 341 16.25 12.39 -21.31
CA HIS B 341 15.18 12.80 -22.20
C HIS B 341 14.26 13.75 -21.43
N PRO B 342 13.77 14.81 -22.10
CA PRO B 342 12.89 15.81 -21.51
C PRO B 342 11.41 15.43 -21.57
N GLY B 343 11.10 14.20 -21.97
CA GLY B 343 9.71 13.76 -22.08
C GLY B 343 8.80 13.90 -20.88
N SER B 344 9.27 13.54 -19.68
CA SER B 344 8.43 13.64 -18.47
C SER B 344 8.04 15.07 -18.12
N ALA B 345 9.00 15.99 -18.27
CA ALA B 345 8.82 17.43 -18.01
C ALA B 345 7.79 18.01 -18.98
N ILE B 346 7.79 17.49 -20.21
CA ILE B 346 6.85 17.93 -21.23
C ILE B 346 5.47 17.43 -20.82
N LEU B 347 5.30 16.11 -20.69
CA LEU B 347 4.04 15.51 -20.27
C LEU B 347 3.56 16.16 -18.97
N ASP B 348 4.45 16.41 -18.04
CA ASP B 348 4.06 17.05 -16.80
C ASP B 348 3.43 18.44 -17.01
N ILE B 349 4.16 19.36 -17.63
CA ILE B 349 3.66 20.72 -17.89
C ILE B 349 2.39 20.70 -18.75
N TRP B 350 2.43 19.92 -19.82
CA TRP B 350 1.28 19.81 -20.69
C TRP B 350 0.04 19.42 -19.89
N LEU B 351 0.14 18.32 -19.15
CA LEU B 351 -0.95 17.80 -18.32
C LEU B 351 -1.45 18.84 -17.35
N LYS B 352 -0.56 19.54 -16.67
CA LYS B 352 -1.01 20.58 -15.75
C LYS B 352 -1.83 21.66 -16.50
N GLU B 353 -1.39 22.03 -17.70
CA GLU B 353 -2.12 23.01 -18.50
C GLU B 353 -3.52 22.48 -18.85
N MET B 354 -3.54 21.32 -19.46
CA MET B 354 -4.76 20.68 -19.83
C MET B 354 -5.77 20.64 -18.72
N LEU B 355 -5.34 20.18 -17.54
CA LEU B 355 -6.22 20.03 -16.39
C LEU B 355 -6.86 21.34 -15.89
N LYS B 356 -6.13 22.43 -15.94
CA LYS B 356 -6.67 23.71 -15.53
C LYS B 356 -7.71 24.15 -16.56
N ALA B 357 -7.48 23.75 -17.81
CA ALA B 357 -8.35 24.09 -18.93
C ALA B 357 -9.62 23.21 -19.03
N THR B 358 -9.59 22.05 -18.40
CA THR B 358 -10.72 21.15 -18.45
C THR B 358 -11.40 21.11 -17.07
N LEU B 359 -11.01 20.17 -16.23
CA LEU B 359 -11.55 20.03 -14.87
C LEU B 359 -11.39 21.31 -14.05
N GLY B 360 -10.31 22.05 -14.28
CA GLY B 360 -10.10 23.29 -13.55
C GLY B 360 -11.17 24.33 -13.85
N GLN B 361 -11.83 24.18 -14.99
CA GLN B 361 -12.89 25.08 -15.43
C GLN B 361 -14.31 24.56 -15.07
N THR B 362 -14.49 23.23 -15.03
CA THR B 362 -15.78 22.56 -14.77
C THR B 362 -16.06 22.13 -13.29
N VAL B 363 -15.00 21.93 -12.50
CA VAL B 363 -15.16 21.53 -11.11
C VAL B 363 -14.99 22.75 -10.23
N PRO B 364 -16.05 23.12 -9.47
CA PRO B 364 -16.05 24.28 -8.58
C PRO B 364 -15.02 24.22 -7.46
N ALA B 365 -14.44 25.36 -7.14
CA ALA B 365 -13.46 25.44 -6.07
C ALA B 365 -14.19 25.01 -4.80
N PRO B 366 -13.46 24.36 -3.86
CA PRO B 366 -12.03 24.04 -3.92
C PRO B 366 -11.76 22.59 -4.37
N PHE B 367 -12.79 21.93 -4.87
CA PHE B 367 -12.71 20.54 -5.30
C PHE B 367 -11.94 20.34 -6.61
N ASP B 368 -11.82 21.42 -7.41
CA ASP B 368 -11.08 21.40 -8.67
C ASP B 368 -9.70 20.90 -8.36
N LYS B 369 -9.18 21.31 -7.21
CA LYS B 369 -7.88 20.92 -6.70
C LYS B 369 -7.66 19.40 -6.64
N TRP B 370 -8.74 18.64 -6.45
CA TRP B 370 -8.67 17.19 -6.39
C TRP B 370 -8.29 16.63 -7.79
N TYR B 371 -8.42 17.47 -8.83
CA TYR B 371 -8.16 17.07 -10.21
C TYR B 371 -7.10 17.85 -11.01
N LEU B 372 -6.43 18.79 -10.38
CA LEU B 372 -5.41 19.58 -11.07
C LEU B 372 -3.97 19.00 -11.12
N ALA B 373 -3.65 18.04 -10.26
CA ALA B 373 -2.30 17.47 -10.22
C ALA B 373 -2.04 16.61 -11.43
N SER B 374 -0.81 16.64 -11.94
CA SER B 374 -0.45 15.83 -13.10
C SER B 374 0.05 14.43 -12.69
N GLY B 375 0.38 14.30 -11.41
CA GLY B 375 0.88 13.05 -10.87
C GLY B 375 2.41 12.97 -10.76
N TYR B 376 3.08 14.03 -11.20
CA TYR B 376 4.54 14.10 -11.17
C TYR B 376 4.97 14.89 -9.96
N GLU B 377 4.03 15.39 -9.18
CA GLU B 377 4.39 16.19 -7.98
C GLU B 377 5.36 15.38 -7.08
N THR B 378 6.64 15.63 -7.35
CA THR B 378 7.83 15.04 -6.72
C THR B 378 8.18 15.98 -5.52
N THR B 379 9.31 15.72 -4.85
CA THR B 379 9.78 16.55 -3.72
C THR B 379 11.31 16.63 -3.92
N GLN B 380 12.00 17.14 -2.90
CA GLN B 380 13.47 17.21 -2.85
C GLN B 380 13.90 15.74 -2.69
N GLU B 381 13.14 15.05 -1.84
CA GLU B 381 13.33 13.65 -1.50
C GLU B 381 12.71 12.66 -2.49
N GLY B 382 11.84 13.14 -3.37
CA GLY B 382 11.21 12.27 -4.34
C GLY B 382 9.80 11.91 -3.93
N PRO B 383 9.09 11.12 -4.76
CA PRO B 383 7.73 10.74 -4.40
C PRO B 383 7.81 9.90 -3.12
N THR B 384 6.77 10.00 -2.31
CA THR B 384 6.67 9.26 -1.06
C THR B 384 6.26 7.82 -1.27
N GLY B 385 5.68 7.54 -2.44
CA GLY B 385 5.24 6.20 -2.78
C GLY B 385 5.40 5.96 -4.27
N SER B 386 4.47 5.18 -4.84
CA SER B 386 4.53 4.88 -6.26
C SER B 386 4.00 6.06 -7.05
N LEU B 387 4.29 6.05 -8.35
CA LEU B 387 3.83 7.06 -9.29
C LEU B 387 2.64 6.43 -10.04
N ASN B 388 1.61 7.24 -10.31
CA ASN B 388 0.44 6.74 -11.02
C ASN B 388 -0.08 7.84 -11.93
N ILE B 389 -1.01 7.49 -12.83
CA ILE B 389 -1.65 8.49 -13.67
C ILE B 389 -2.58 9.10 -12.62
N SER B 390 -2.67 10.45 -12.56
CA SER B 390 -3.52 11.11 -11.56
C SER B 390 -5.04 11.01 -11.79
N THR B 391 -5.77 11.41 -10.76
CA THR B 391 -7.24 11.38 -10.77
C THR B 391 -7.67 12.28 -11.92
N GLY B 392 -7.12 13.50 -11.97
CA GLY B 392 -7.39 14.42 -13.07
C GLY B 392 -7.04 13.79 -14.43
N ALA B 393 -5.81 13.30 -14.60
CA ALA B 393 -5.43 12.72 -15.88
C ALA B 393 -6.26 11.51 -16.35
N LYS B 394 -6.79 10.73 -15.41
CA LYS B 394 -7.61 9.55 -15.76
C LYS B 394 -8.95 10.04 -16.30
N LEU B 395 -9.43 11.12 -15.69
CA LEU B 395 -10.68 11.77 -16.04
C LEU B 395 -10.51 12.49 -17.42
N LEU B 396 -9.34 13.07 -17.67
CA LEU B 396 -9.04 13.78 -18.93
C LEU B 396 -8.96 12.76 -20.03
N TYR B 397 -8.32 11.65 -19.74
CA TYR B 397 -8.18 10.58 -20.68
C TYR B 397 -9.54 9.98 -21.07
N GLU B 398 -10.40 9.82 -20.05
CA GLU B 398 -11.72 9.27 -20.23
C GLU B 398 -12.50 10.09 -21.27
N SER B 399 -12.37 11.42 -21.17
CA SER B 399 -12.97 12.43 -22.03
C SER B 399 -12.35 12.43 -23.44
N LEU B 400 -11.02 12.51 -23.54
CA LEU B 400 -10.31 12.47 -24.83
C LEU B 400 -10.70 11.24 -25.63
N LEU B 401 -11.00 10.17 -24.90
CA LEU B 401 -11.40 8.90 -25.45
C LEU B 401 -12.75 8.98 -26.18
N GLU B 402 -13.53 10.00 -25.82
CA GLU B 402 -14.83 10.25 -26.42
C GLU B 402 -15.73 9.02 -26.46
N ASP B 403 -16.11 8.61 -27.66
CA ASP B 403 -16.99 7.46 -27.85
C ASP B 403 -16.37 6.12 -27.40
N LYS B 404 -15.05 6.11 -27.23
CA LYS B 404 -14.34 4.88 -26.79
C LYS B 404 -14.49 4.66 -25.28
N SER B 405 -14.86 5.72 -24.58
CA SER B 405 -15.08 5.62 -23.18
C SER B 405 -16.58 5.37 -23.02
N PRO B 406 -16.92 4.36 -22.22
CA PRO B 406 -18.30 3.97 -21.95
C PRO B 406 -18.97 4.90 -20.92
N ILE B 407 -18.24 5.89 -20.43
CA ILE B 407 -18.77 6.80 -19.42
C ILE B 407 -19.35 8.06 -20.06
N SER B 408 -20.62 8.33 -19.78
CA SER B 408 -21.25 9.53 -20.31
C SER B 408 -20.69 10.78 -19.71
N GLN B 409 -20.29 11.69 -20.57
CA GLN B 409 -19.73 12.97 -20.18
C GLN B 409 -20.85 13.99 -20.05
N SER B 410 -21.57 13.87 -18.94
CA SER B 410 -22.69 14.77 -18.60
C SER B 410 -22.21 16.22 -18.67
N ILE B 411 -21.02 16.48 -18.15
CA ILE B 411 -20.44 17.81 -18.25
C ILE B 411 -19.30 17.64 -19.24
N ASP B 412 -19.23 18.52 -20.24
CA ASP B 412 -18.18 18.50 -21.25
C ASP B 412 -16.98 19.15 -20.56
N LEU B 413 -15.96 18.34 -20.24
CA LEU B 413 -14.76 18.83 -19.57
C LEU B 413 -14.14 20.02 -20.33
N PHE B 414 -14.24 19.95 -21.67
CA PHE B 414 -13.73 20.97 -22.56
C PHE B 414 -14.63 22.18 -22.73
N SER B 415 -15.82 22.14 -22.13
CA SER B 415 -16.78 23.25 -22.19
C SER B 415 -17.14 23.71 -23.60
N GLY B 416 -17.35 22.78 -24.51
CA GLY B 416 -17.69 23.17 -25.87
C GLY B 416 -16.55 23.44 -26.83
N GLN B 417 -15.33 23.71 -26.34
CA GLN B 417 -14.19 23.96 -27.23
C GLN B 417 -13.74 22.64 -27.77
N PRO B 418 -13.38 22.59 -29.08
CA PRO B 418 -12.90 21.37 -29.76
C PRO B 418 -11.67 20.94 -28.95
N GLN B 419 -11.58 19.65 -28.63
CA GLN B 419 -10.45 19.22 -27.80
C GLN B 419 -9.08 19.40 -28.46
N ASN B 420 -9.00 19.24 -29.77
CA ASN B 420 -7.71 19.47 -30.41
C ASN B 420 -7.26 20.91 -30.36
N ASP B 421 -8.18 21.84 -30.19
CA ASP B 421 -7.79 23.24 -30.06
C ASP B 421 -7.09 23.38 -28.73
N VAL B 422 -7.75 22.87 -27.70
CA VAL B 422 -7.24 22.94 -26.35
C VAL B 422 -5.88 22.26 -26.22
N ILE B 423 -5.73 21.13 -26.91
CA ILE B 423 -4.50 20.37 -26.91
C ILE B 423 -3.42 21.18 -27.57
N ARG B 424 -3.71 21.73 -28.76
CA ARG B 424 -2.75 22.56 -29.49
C ARG B 424 -2.33 23.78 -28.67
N LYS B 425 -3.31 24.44 -28.07
CA LYS B 425 -3.07 25.62 -27.25
C LYS B 425 -2.16 25.31 -26.07
N THR B 426 -2.52 24.27 -25.32
CA THR B 426 -1.73 23.89 -24.16
C THR B 426 -0.33 23.35 -24.55
N LEU B 427 -0.19 22.79 -25.76
CA LEU B 427 1.09 22.31 -26.24
C LEU B 427 1.96 23.54 -26.50
N ASN B 428 1.38 24.54 -27.15
CA ASN B 428 2.14 25.75 -27.42
C ASN B 428 2.60 26.39 -26.14
N THR B 429 1.79 26.30 -25.09
CA THR B 429 2.16 26.88 -23.80
C THR B 429 3.29 26.04 -23.19
N THR B 430 3.17 24.73 -23.34
CA THR B 430 4.15 23.82 -22.81
C THR B 430 5.51 24.14 -23.41
N TYR B 431 5.54 24.29 -24.75
CA TYR B 431 6.77 24.58 -25.45
C TYR B 431 7.47 25.84 -24.90
N GLN B 432 6.70 26.89 -24.66
CA GLN B 432 7.26 28.12 -24.14
C GLN B 432 7.80 27.97 -22.73
N LYS B 433 7.12 27.20 -21.89
CA LYS B 433 7.58 26.99 -20.50
C LYS B 433 8.86 26.17 -20.50
N MET B 434 8.90 25.16 -21.36
CA MET B 434 10.09 24.34 -21.51
C MET B 434 11.24 25.23 -21.97
N ILE B 435 11.01 26.05 -22.99
CA ILE B 435 12.02 26.97 -23.52
C ILE B 435 12.48 27.92 -22.41
N GLU B 436 11.54 28.49 -21.69
CA GLU B 436 11.89 29.41 -20.65
C GLU B 436 12.52 28.75 -19.42
N LYS B 437 12.18 27.51 -19.11
CA LYS B 437 12.80 26.90 -17.97
C LYS B 437 14.10 26.19 -18.33
N TYR B 438 14.19 25.57 -19.50
CA TYR B 438 15.40 24.81 -19.82
C TYR B 438 16.36 25.37 -20.89
N GLY B 439 16.09 26.57 -21.41
CA GLY B 439 16.96 27.18 -22.42
C GLY B 439 16.42 27.08 -23.84
N ASP B 440 17.02 27.84 -24.77
CA ASP B 440 16.62 27.86 -26.18
C ASP B 440 17.02 26.66 -27.03
N ASN B 441 18.14 26.03 -26.72
CA ASN B 441 18.58 24.87 -27.48
C ASN B 441 18.11 23.58 -26.80
N PRO B 442 17.01 22.99 -27.29
CA PRO B 442 16.42 21.76 -26.76
C PRO B 442 17.42 20.64 -26.53
N ALA B 443 18.46 20.63 -27.39
CA ALA B 443 19.52 19.62 -27.28
C ALA B 443 20.22 19.80 -25.94
N ASN B 444 20.19 21.02 -25.41
CA ASN B 444 20.79 21.32 -24.13
C ASN B 444 19.81 21.45 -22.95
N TRP B 445 18.57 21.01 -23.16
CA TRP B 445 17.60 21.02 -22.08
C TRP B 445 18.06 19.96 -21.09
N GLN B 446 18.17 20.30 -19.81
CA GLN B 446 18.55 19.30 -18.83
C GLN B 446 17.44 19.19 -17.81
N THR B 447 16.48 18.30 -18.06
CA THR B 447 15.37 18.18 -17.11
C THR B 447 15.76 17.41 -15.80
N PRO B 448 15.25 17.88 -14.66
CA PRO B 448 15.60 17.22 -13.40
C PRO B 448 15.09 15.78 -13.26
N ALA B 449 15.96 14.90 -12.79
CA ALA B 449 15.57 13.51 -12.54
C ALA B 449 14.92 13.47 -11.16
N THR B 450 14.00 12.52 -10.99
CA THR B 450 13.32 12.32 -9.74
C THR B 450 14.21 11.37 -8.89
N ALA B 451 14.56 11.82 -7.69
CA ALA B 451 15.35 11.02 -6.79
C ALA B 451 14.44 10.19 -5.86
N LEU B 452 15.04 9.43 -4.97
CA LEU B 452 14.33 8.58 -4.02
C LEU B 452 15.05 8.67 -2.67
N THR B 453 14.26 8.74 -1.60
CA THR B 453 14.86 8.84 -0.27
C THR B 453 14.33 7.75 0.66
N PHE B 454 15.27 7.16 1.43
CA PHE B 454 14.96 6.16 2.47
C PHE B 454 14.92 7.08 3.70
N ARG B 455 13.71 7.56 3.97
CA ARG B 455 13.39 8.50 5.04
C ARG B 455 13.50 7.93 6.47
N GLU B 456 13.88 8.80 7.41
CA GLU B 456 14.02 8.43 8.83
C GLU B 456 12.68 8.46 9.57
N ASN B 457 11.64 8.98 8.92
CA ASN B 457 10.33 9.03 9.52
C ASN B 457 9.49 7.94 8.88
N ASN B 458 8.70 7.19 9.67
CA ASN B 458 7.87 6.13 9.10
C ASN B 458 6.74 6.73 8.25
N PHE B 459 5.94 5.88 7.60
CA PHE B 459 4.87 6.38 6.76
C PHE B 459 3.88 7.27 7.50
N PHE B 460 4.01 7.35 8.82
CA PHE B 460 3.13 8.16 9.63
C PHE B 460 3.66 9.49 10.00
N GLY B 461 4.89 9.78 9.56
CA GLY B 461 5.49 11.03 9.92
C GLY B 461 6.19 10.88 11.27
N ILE B 462 6.22 9.68 11.82
CA ILE B 462 6.86 9.49 13.12
C ILE B 462 8.34 9.08 12.99
N PRO B 463 9.25 9.87 13.56
CA PRO B 463 10.68 9.51 13.46
C PRO B 463 10.88 8.08 13.96
N GLN B 464 11.59 7.26 13.19
CA GLN B 464 11.89 5.88 13.53
C GLN B 464 13.41 5.66 13.47
N ALA B 465 14.13 6.79 13.43
CA ALA B 465 15.59 6.83 13.34
C ALA B 465 15.96 8.24 13.76
N LEU B 466 17.24 8.53 13.80
CA LEU B 466 17.64 9.87 14.21
C LEU B 466 17.44 10.85 13.05
N PRO B 467 17.43 12.15 13.37
CA PRO B 467 17.26 13.12 12.30
C PRO B 467 18.37 12.87 11.26
N GLN B 468 18.04 12.97 9.99
CA GLN B 468 19.01 12.75 8.89
C GLN B 468 19.58 11.35 8.84
N GLU B 469 19.00 10.41 9.58
CA GLU B 469 19.51 9.05 9.52
C GLU B 469 18.75 8.43 8.34
N ASN B 470 19.11 8.83 7.13
CA ASN B 470 18.43 8.39 5.91
C ASN B 470 19.42 8.07 4.77
N PHE B 471 18.89 7.62 3.64
CA PHE B 471 19.73 7.31 2.49
C PHE B 471 19.10 7.90 1.24
N HIS B 472 19.93 8.44 0.34
CA HIS B 472 19.48 9.03 -0.93
C HIS B 472 19.90 8.17 -2.11
N GLN B 473 18.98 7.99 -3.04
CA GLN B 473 19.23 7.23 -4.28
C GLN B 473 18.87 8.19 -5.45
N ASN B 474 19.87 8.51 -6.29
CA ASN B 474 19.67 9.41 -7.44
C ASN B 474 18.47 9.16 -8.33
N GLU B 475 18.32 7.90 -8.70
CA GLU B 475 17.24 7.46 -9.57
C GLU B 475 15.99 6.84 -8.91
N TYR B 476 14.85 7.53 -8.97
CA TYR B 476 13.59 6.99 -8.43
C TYR B 476 13.21 5.75 -9.25
N HIS B 477 12.63 4.75 -8.59
CA HIS B 477 12.20 3.54 -9.30
C HIS B 477 10.78 3.35 -8.88
N ASN B 478 9.87 3.29 -9.85
CA ASN B 478 8.47 3.09 -9.53
C ASN B 478 8.34 1.59 -9.40
N ARG B 479 8.82 1.07 -8.27
CA ARG B 479 8.84 -0.37 -7.98
C ARG B 479 8.50 -0.55 -6.49
N GLY B 480 8.34 -1.82 -6.11
CA GLY B 480 8.02 -2.16 -4.73
C GLY B 480 9.09 -1.74 -3.76
N THR B 481 8.65 -1.40 -2.53
CA THR B 481 9.54 -1.01 -1.43
C THR B 481 10.57 -2.13 -1.27
N GLU B 482 10.18 -3.35 -1.67
CA GLU B 482 11.04 -4.50 -1.67
C GLU B 482 10.59 -5.28 -2.89
N ASN B 483 11.43 -6.19 -3.35
CA ASN B 483 11.06 -7.03 -4.44
C ASN B 483 11.54 -8.40 -4.08
N ASP B 484 10.72 -9.40 -4.36
CA ASP B 484 11.03 -10.79 -4.13
C ASP B 484 10.62 -11.53 -5.39
N LEU B 485 11.48 -12.44 -5.83
CA LEU B 485 11.27 -13.23 -7.03
C LEU B 485 11.34 -14.66 -6.58
N ILE B 486 10.27 -15.39 -6.77
CA ILE B 486 10.19 -16.79 -6.35
C ILE B 486 9.98 -17.73 -7.53
N VAL B 487 10.77 -18.80 -7.62
CA VAL B 487 10.66 -19.70 -8.77
C VAL B 487 10.60 -21.17 -8.41
N PHE B 488 9.54 -21.86 -8.81
CA PHE B 488 9.40 -23.29 -8.59
C PHE B 488 9.99 -23.93 -9.84
N THR B 489 11.03 -24.72 -9.66
CA THR B 489 11.71 -25.36 -10.78
C THR B 489 11.57 -26.85 -10.60
N GLU B 490 12.18 -27.60 -11.51
CA GLU B 490 12.16 -29.05 -11.46
C GLU B 490 12.95 -29.51 -10.24
N GLU B 491 13.93 -28.70 -9.88
CA GLU B 491 14.78 -28.97 -8.71
C GLU B 491 14.10 -28.61 -7.40
N GLY B 492 13.21 -27.62 -7.44
CA GLY B 492 12.53 -27.21 -6.24
C GLY B 492 12.11 -25.77 -6.32
N VAL B 493 12.77 -24.92 -5.54
CA VAL B 493 12.48 -23.49 -5.45
C VAL B 493 13.73 -22.65 -5.27
N SER B 494 13.85 -21.62 -6.08
CA SER B 494 14.94 -20.69 -6.01
C SER B 494 14.22 -19.36 -5.78
N ALA B 495 14.67 -18.61 -4.80
CA ALA B 495 14.02 -17.35 -4.56
C ALA B 495 15.03 -16.30 -4.21
N TRP B 496 14.62 -15.05 -4.38
CA TRP B 496 15.48 -13.94 -4.11
C TRP B 496 14.65 -12.76 -3.68
N ASP B 497 15.30 -11.80 -3.05
CA ASP B 497 14.59 -10.58 -2.65
C ASP B 497 15.63 -9.51 -2.36
N VAL B 498 15.18 -8.33 -1.97
CA VAL B 498 16.11 -7.27 -1.60
C VAL B 498 15.34 -6.47 -0.56
N VAL B 499 15.98 -6.17 0.58
CA VAL B 499 15.36 -5.43 1.68
C VAL B 499 16.34 -4.32 2.03
N ALA B 500 16.17 -3.17 1.41
CA ALA B 500 17.07 -2.05 1.60
C ALA B 500 16.50 -1.10 2.65
N PRO B 501 17.37 -0.39 3.42
CA PRO B 501 18.86 -0.45 3.35
C PRO B 501 19.52 -1.79 3.75
N GLY B 502 18.96 -2.48 4.75
CA GLY B 502 19.52 -3.75 5.16
C GLY B 502 18.65 -4.46 6.18
N GLN B 503 19.08 -5.65 6.60
CA GLN B 503 18.35 -6.44 7.61
C GLN B 503 18.36 -5.81 9.00
N SER B 504 19.40 -5.06 9.33
CA SER B 504 19.45 -4.50 10.67
C SER B 504 19.49 -2.99 10.67
N GLY B 505 18.89 -2.38 11.69
CA GLY B 505 18.95 -0.92 11.82
C GLY B 505 19.73 -0.57 13.09
N PHE B 506 20.54 -1.52 13.58
CA PHE B 506 21.28 -1.30 14.81
C PHE B 506 22.51 -0.41 14.72
N ILE B 507 22.65 0.46 15.71
CA ILE B 507 23.78 1.38 15.82
C ILE B 507 24.09 1.39 17.32
N SER B 508 25.29 0.93 17.70
CA SER B 508 25.67 0.84 19.09
C SER B 508 25.71 2.22 19.72
N PRO B 509 25.65 2.30 21.07
CA PRO B 509 25.70 3.60 21.75
C PRO B 509 26.94 4.35 21.28
N GLN B 510 27.94 3.57 20.88
CA GLN B 510 29.20 4.10 20.39
C GLN B 510 29.07 4.74 19.02
N GLY B 511 28.02 4.38 18.29
CA GLY B 511 27.80 4.97 16.98
C GLY B 511 28.18 4.01 15.88
N LYS B 512 28.39 2.75 16.23
CA LYS B 512 28.78 1.77 15.23
C LYS B 512 27.56 1.06 14.63
N PRO B 513 27.37 1.17 13.29
CA PRO B 513 26.20 0.47 12.76
C PRO B 513 26.51 -0.98 12.62
N SER B 514 25.45 -1.75 12.54
CA SER B 514 25.56 -3.15 12.32
C SER B 514 26.15 -3.31 10.93
N PRO B 515 26.76 -4.44 10.65
CA PRO B 515 27.36 -4.78 9.35
C PRO B 515 26.25 -4.93 8.31
N HIS B 516 25.04 -5.11 8.81
CA HIS B 516 23.84 -5.31 7.99
C HIS B 516 22.94 -4.09 7.99
N TYR B 517 23.51 -3.00 8.41
CA TYR B 517 22.79 -1.78 8.48
C TYR B 517 22.41 -1.24 7.11
N GLN B 518 23.27 -1.44 6.11
CA GLN B 518 23.05 -0.92 4.79
C GLN B 518 23.73 -1.70 3.69
N ASP B 519 23.88 -3.00 3.91
CA ASP B 519 24.49 -3.85 2.91
C ASP B 519 23.57 -4.25 1.76
N GLN B 520 22.38 -3.67 1.70
CA GLN B 520 21.45 -3.99 0.62
C GLN B 520 21.04 -2.77 -0.22
N LEU B 521 21.57 -1.60 0.12
CA LEU B 521 21.30 -0.34 -0.61
C LEU B 521 21.71 -0.41 -2.06
N SER B 522 22.98 -0.70 -2.29
CA SER B 522 23.55 -0.80 -3.63
C SER B 522 22.82 -1.88 -4.43
N LEU B 523 22.48 -2.97 -3.75
CA LEU B 523 21.79 -4.10 -4.33
C LEU B 523 20.45 -3.59 -4.88
N TYR B 524 19.81 -2.69 -4.13
CA TYR B 524 18.52 -2.13 -4.53
C TYR B 524 18.67 -1.27 -5.78
N GLN B 525 19.56 -0.31 -5.66
CA GLN B 525 19.83 0.62 -6.73
C GLN B 525 20.26 -0.02 -8.06
N GLN B 526 21.03 -1.09 -7.97
CA GLN B 526 21.53 -1.77 -9.15
C GLN B 526 20.64 -2.89 -9.66
N PHE B 527 19.48 -3.04 -9.07
CA PHE B 527 18.53 -4.05 -9.50
C PHE B 527 19.07 -5.46 -9.30
N GLY B 528 19.78 -5.65 -8.19
CA GLY B 528 20.29 -6.96 -7.84
C GLY B 528 19.31 -7.58 -6.87
N LYS B 529 19.68 -8.72 -6.34
CA LYS B 529 18.86 -9.44 -5.40
C LYS B 529 19.80 -10.42 -4.67
N LYS B 530 19.38 -10.90 -3.51
CA LYS B 530 20.15 -11.84 -2.70
C LYS B 530 19.26 -13.08 -2.56
N PRO B 531 19.87 -14.24 -2.28
CA PRO B 531 19.05 -15.45 -2.16
C PRO B 531 18.14 -15.58 -0.93
N LEU B 532 17.04 -16.31 -1.10
CA LEU B 532 16.11 -16.59 -0.02
C LEU B 532 16.34 -18.09 0.21
N TRP B 533 16.92 -18.44 1.37
CA TRP B 533 17.16 -19.86 1.68
C TRP B 533 16.01 -20.42 2.54
N LEU B 534 15.50 -21.59 2.16
CA LEU B 534 14.46 -22.20 2.92
C LEU B 534 15.03 -23.34 3.75
N ASN B 535 15.65 -24.30 3.07
CA ASN B 535 16.19 -25.48 3.75
C ASN B 535 17.61 -25.46 4.37
N SER B 536 17.79 -26.21 5.45
CA SER B 536 19.05 -26.19 6.17
C SER B 536 20.37 -26.45 5.40
N GLU B 537 20.36 -27.45 4.51
CA GLU B 537 21.55 -27.78 3.73
C GLU B 537 21.95 -26.60 2.81
N ASP B 538 21.00 -25.93 2.17
CA ASP B 538 21.41 -24.82 1.35
C ASP B 538 21.65 -23.50 2.06
N VAL B 539 21.18 -23.36 3.30
CA VAL B 539 21.44 -22.14 4.08
C VAL B 539 22.79 -22.34 4.77
N ALA B 540 23.10 -23.59 5.09
CA ALA B 540 24.32 -23.95 5.83
C ALA B 540 25.61 -23.25 5.49
N PRO B 541 25.98 -23.25 4.20
CA PRO B 541 27.22 -22.60 3.78
C PRO B 541 27.31 -21.12 4.12
N TYR B 542 26.15 -20.49 4.25
CA TYR B 542 26.04 -19.04 4.50
C TYR B 542 25.79 -18.55 5.92
N ILE B 543 25.72 -19.48 6.86
CA ILE B 543 25.48 -19.09 8.24
C ILE B 543 26.70 -18.39 8.85
N GLU B 544 26.49 -17.16 9.29
CA GLU B 544 27.53 -16.40 9.94
C GLU B 544 27.43 -16.39 11.46
N SER B 545 26.28 -16.76 12.01
CA SER B 545 26.15 -16.75 13.46
C SER B 545 25.03 -17.63 13.91
N THR B 546 25.23 -18.23 15.08
CA THR B 546 24.27 -19.12 15.72
C THR B 546 24.10 -18.73 17.17
N GLU B 547 22.87 -18.78 17.67
CA GLU B 547 22.60 -18.45 19.05
C GLU B 547 21.60 -19.51 19.54
N THR B 548 21.84 -20.09 20.72
CA THR B 548 20.89 -21.08 21.21
C THR B 548 20.23 -20.58 22.48
N LEU B 549 18.91 -20.69 22.52
CA LEU B 549 18.16 -20.21 23.65
C LEU B 549 17.44 -21.35 24.33
N ILE B 550 17.57 -21.43 25.63
CA ILE B 550 16.87 -22.45 26.39
C ILE B 550 15.91 -21.59 27.15
N ILE B 551 14.62 -21.73 26.85
CA ILE B 551 13.64 -20.89 27.54
C ILE B 551 12.82 -21.69 28.50
N GLU B 552 12.74 -21.12 29.69
CA GLU B 552 12.01 -21.74 30.79
C GLU B 552 10.50 -21.61 30.63
N ARG B 553 9.91 -22.80 30.61
CA ARG B 553 8.48 -23.05 30.39
C ARG B 553 7.83 -24.00 31.46
#